data_8PTJ
#
_entry.id   8PTJ
#
_cell.length_a   1.00
_cell.length_b   1.00
_cell.length_c   1.00
_cell.angle_alpha   90.00
_cell.angle_beta   90.00
_cell.angle_gamma   90.00
#
_symmetry.space_group_name_H-M   'P 1'
#
loop_
_entity.id
_entity.type
_entity.pdbx_description
1 polymer 'Polymerase acidic protein (PA-like)'
2 polymer 'Putative PB1'
3 polymer 'RNA-dependent RNA polymerase'
4 polymer "3' vRNA end - vRNA loop (40-mer)"
5 non-polymer 'ZINC ION'
6 water water
#
loop_
_entity_poly.entity_id
_entity_poly.type
_entity_poly.pdbx_seq_one_letter_code
_entity_poly.pdbx_strand_id
1 'polypeptide(L)'
;MDSRFAQLTGVFCDDFTYSEGSRRFLSSYSTVERRPGVPVEGDCYDCLKNKWIAFELEGQPRKFPKATVRCILNNDATYV
CSEQEYQQICKVQFKDYLEIDGVVKVGHKASYDAELRERLLELPHPKSGPKPRIEWVAPPRLADISKETAELKRQYGFFE
CSKFLACGEECGLDQEARELILNEYARDREFEFRNGGWIQRYTVASHKPATQKILPLPASAPLARELLMLIARSTTQAGK
VLHSDNTSILAVPVMRDSGKHSKRRPTASTHHLVVGLSKPGCEHDFEFDGYRAAVHVMHLDPKQSANIGEQDFVSTREIY
KLDMLELPPISRKGDLDRASGLETRWDVILLLECLDSTRVSQAVAQHFNRHRLALSVCKDEFRKGYQLASEIRGTIPLSS
LYYSLCAVRLRMTVHPFAR
;
A
2 'polypeptide(L)'
;MWAFQEGVCKGNLLSGPTSMKAPDSAARESIDRASEIMTGKSYNAVHTGDLSKLPNQGESPLRIVDSDLYSERSCCWVIE
KEGRVVCKSTTLTRGMTSLLNTTKCSSPSELICKVLTVESLSEKIGDTSVEELLSHGRYFKCALRDQERGKPKSRAIFLS
HPFFRLLSSVVETHARSVLSKVSAVYTATASAEQRAMMAAQVVESRKHVLNGDCTKYNEAIDADTLLKVWDAIGMGSIGV
MLAYMVRRKCVLIKDTLVECPGGMLMGMFNATATLALQGTTDRFLSFSDDFITSFNSPAELREIEDLLFASCHNLSLKKS
YISVASLEINSCTLTRDGDLATGLGCTAGVPFRGPLVTLKQTAAMLSGAVDSGVMPFHSAERLFQIKQQECAYRYNNPTY
TTRNEDFLPTCLGGKTVISFQSLLTWDCHPFWYQVHPDGPDTIDQKVLSVLASKTRRRRTRLEALSDLDPLVPHRLLVSE
SDVSKIRAARQAHLKSLGLEQPTNFNYAIYKAVQPTAGC
;
B
3 'polypeptide(L)'
;MSQFGKSFKGRTEVTITEYRSHTVKDVHRSLLTADKSLRKSFCFRNALNQFLDKDLPLLPIRPKLESRVAVKKSKLRSQL
SFRPGLTQEEAIDLYNKGYDGDSVSGALQDRVVNEPVAYSSADNDKFHRGLAALGYTLADRAFDTCESGFVRAIPTTPCG
FICCGPGSFKDSLGFVIKIGEFWHMYDGFQHFVAVEDAKFLASKSPSFWLAKRLAKRLNLVPKEDPSVAAAECPCKKVWE
ASFARAPTALDPFGGRAFCDQGWVYHRDVGYATANHISQETLFQQALSVRNLGPQGSANVSGSIHTALDRLRAAYSRGTP
ASRSILQGLANLITPVGENFECDLDKRKLNIKALRSPERYITIEGLVVNLDDVVRGFYLDKAKVTVLSRSKWMGYEDLPQ
KPPNGTFYCRKRKAMLLISCSPGTYAKKRKVAVQEDRFKDMRVENFREVAENMDLNQGSGSENLYFQGHHHHHHHHHH
;
C
4 'polyribonucleotide' GCAAAUCUUUCUCACGUCCUGACUUGUGAGUAAAAUUUGG D,V
#
loop_
_chem_comp.id
_chem_comp.type
_chem_comp.name
_chem_comp.formula
A RNA linking ADENOSINE-5'-MONOPHOSPHATE 'C10 H14 N5 O7 P'
C RNA linking CYTIDINE-5'-MONOPHOSPHATE 'C9 H14 N3 O8 P'
G RNA linking GUANOSINE-5'-MONOPHOSPHATE 'C10 H14 N5 O8 P'
U RNA linking URIDINE-5'-MONOPHOSPHATE 'C9 H13 N2 O9 P'
ZN non-polymer 'ZINC ION' 'Zn 2'
#
# COMPACT_ATOMS: atom_id res chain seq x y z
N MET A 1 -9.50 -34.69 28.34
CA MET A 1 -8.49 -35.23 29.28
C MET A 1 -7.37 -35.94 28.52
N ASP A 2 -6.30 -35.23 28.23
CA ASP A 2 -5.18 -35.74 27.46
C ASP A 2 -3.90 -35.65 28.30
N SER A 3 -3.10 -36.71 28.26
CA SER A 3 -1.89 -36.77 29.08
C SER A 3 -0.84 -35.76 28.62
N ARG A 4 -0.93 -35.26 27.38
CA ARG A 4 0.06 -34.32 26.89
C ARG A 4 0.04 -32.99 27.62
N PHE A 5 -1.01 -32.71 28.39
CA PHE A 5 -1.15 -31.44 29.11
C PHE A 5 -0.90 -31.58 30.60
N ALA A 6 -0.49 -32.75 31.07
CA ALA A 6 -0.22 -32.92 32.50
C ALA A 6 0.91 -32.01 32.96
N GLN A 7 2.03 -32.02 32.23
CA GLN A 7 3.12 -31.11 32.57
C GLN A 7 2.71 -29.66 32.35
N LEU A 8 1.96 -29.39 31.29
CA LEU A 8 1.56 -28.01 30.99
C LEU A 8 0.69 -27.45 32.10
N THR A 9 -0.29 -28.22 32.56
CA THR A 9 -1.17 -27.73 33.63
C THR A 9 -0.50 -27.77 34.99
N GLY A 10 0.49 -28.66 35.18
CA GLY A 10 1.20 -28.69 36.45
C GLY A 10 1.92 -27.39 36.75
N VAL A 11 2.60 -26.84 35.74
CA VAL A 11 3.33 -25.58 35.93
C VAL A 11 2.43 -24.36 35.86
N PHE A 12 1.19 -24.52 35.39
CA PHE A 12 0.30 -23.37 35.27
C PHE A 12 0.01 -22.74 36.63
N CYS A 13 -0.15 -23.57 37.66
CA CYS A 13 -0.50 -23.12 39.00
C CYS A 13 0.53 -23.67 39.98
N ASP A 14 1.64 -22.96 40.14
CA ASP A 14 2.69 -23.42 41.05
C ASP A 14 2.20 -23.45 42.50
N ASP A 15 1.92 -22.26 43.06
CA ASP A 15 1.54 -22.16 44.47
C ASP A 15 0.45 -21.12 44.68
N PHE A 16 -0.42 -20.92 43.69
CA PHE A 16 -1.42 -19.87 43.78
C PHE A 16 -2.41 -20.15 44.91
N THR A 17 -2.72 -19.11 45.69
CA THR A 17 -3.56 -19.22 46.87
C THR A 17 -4.83 -18.41 46.68
N TYR A 18 -5.92 -18.84 47.32
CA TYR A 18 -7.21 -18.21 47.12
C TYR A 18 -7.90 -17.77 48.40
N SER A 19 -7.77 -18.53 49.50
CA SER A 19 -8.49 -18.19 50.72
C SER A 19 -7.56 -17.70 51.82
N GLU A 20 -6.63 -18.53 52.31
CA GLU A 20 -5.51 -18.00 53.07
C GLU A 20 -4.21 -18.65 52.64
N GLY A 21 -4.22 -19.98 52.51
CA GLY A 21 -3.08 -20.72 52.04
C GLY A 21 -3.44 -21.75 50.98
N SER A 22 -4.71 -22.10 50.91
CA SER A 22 -5.14 -23.22 50.06
C SER A 22 -4.88 -22.92 48.61
N ARG A 23 -4.46 -23.94 47.86
CA ARG A 23 -4.16 -23.77 46.46
C ARG A 23 -5.40 -23.30 45.70
N ARG A 24 -5.25 -22.25 44.90
CA ARG A 24 -6.37 -21.74 44.13
C ARG A 24 -6.78 -22.72 43.05
N PHE A 25 -5.82 -23.22 42.27
CA PHE A 25 -6.08 -24.12 41.17
C PHE A 25 -5.64 -25.53 41.53
N LEU A 26 -6.56 -26.48 41.40
CA LEU A 26 -6.28 -27.88 41.64
C LEU A 26 -6.13 -28.60 40.31
N SER A 27 -5.01 -29.31 40.15
CA SER A 27 -4.72 -30.02 38.91
C SER A 27 -5.54 -31.29 38.84
N SER A 28 -6.17 -31.53 37.69
CA SER A 28 -6.99 -32.72 37.49
C SER A 28 -6.16 -33.95 37.16
N TYR A 29 -4.86 -33.79 36.91
CA TYR A 29 -3.99 -34.91 36.56
C TYR A 29 -3.19 -35.43 37.76
N SER A 30 -3.38 -34.86 38.94
CA SER A 30 -2.67 -35.26 40.15
C SER A 30 -3.67 -35.77 41.17
N THR A 31 -3.41 -36.98 41.68
CA THR A 31 -4.37 -37.61 42.59
C THR A 31 -4.50 -36.83 43.89
N VAL A 32 -3.38 -36.34 44.43
CA VAL A 32 -3.42 -35.68 45.73
C VAL A 32 -4.25 -34.40 45.66
N GLU A 33 -4.07 -33.61 44.60
CA GLU A 33 -4.78 -32.35 44.47
C GLU A 33 -6.14 -32.49 43.79
N ARG A 34 -6.35 -33.54 43.01
CA ARG A 34 -7.62 -33.70 42.30
C ARG A 34 -8.76 -33.89 43.29
N ARG A 35 -9.90 -33.28 42.98
CA ARG A 35 -11.08 -33.40 43.83
C ARG A 35 -11.72 -34.77 43.63
N PRO A 36 -11.82 -35.60 44.66
CA PRO A 36 -12.47 -36.90 44.48
C PRO A 36 -13.99 -36.78 44.45
N GLY A 37 -14.61 -37.78 43.82
CA GLY A 37 -16.05 -37.90 43.84
C GLY A 37 -16.79 -36.96 42.91
N VAL A 38 -16.10 -36.22 42.06
CA VAL A 38 -16.75 -35.30 41.13
C VAL A 38 -16.20 -35.54 39.72
N PRO A 39 -17.02 -35.37 38.67
CA PRO A 39 -16.49 -35.53 37.31
C PRO A 39 -15.46 -34.46 36.99
N VAL A 40 -14.51 -34.82 36.14
CA VAL A 40 -13.50 -33.89 35.65
C VAL A 40 -14.07 -33.18 34.42
N GLU A 41 -14.05 -31.85 34.45
CA GLU A 41 -14.55 -31.05 33.35
C GLU A 41 -13.48 -30.16 32.74
N GLY A 42 -12.23 -30.32 33.15
CA GLY A 42 -11.15 -29.50 32.62
C GLY A 42 -9.83 -29.95 33.20
N ASP A 43 -8.76 -29.32 32.70
CA ASP A 43 -7.42 -29.66 33.16
C ASP A 43 -7.18 -29.20 34.60
N CYS A 44 -7.76 -28.07 34.98
CA CYS A 44 -7.61 -27.52 36.32
C CYS A 44 -8.96 -27.03 36.81
N TYR A 45 -9.10 -26.97 38.13
CA TYR A 45 -10.29 -26.42 38.78
C TYR A 45 -9.89 -25.21 39.60
N ASP A 46 -10.54 -24.07 39.33
CA ASP A 46 -10.28 -22.83 40.06
C ASP A 46 -11.32 -22.69 41.16
N CYS A 47 -10.86 -22.71 42.41
CA CYS A 47 -11.76 -22.68 43.55
C CYS A 47 -12.30 -21.28 43.82
N LEU A 48 -11.49 -20.24 43.61
CA LEU A 48 -11.95 -18.89 43.88
C LEU A 48 -13.16 -18.54 43.02
N LYS A 49 -13.08 -18.78 41.72
CA LYS A 49 -14.19 -18.53 40.82
C LYS A 49 -15.08 -19.75 40.62
N ASN A 50 -14.70 -20.91 41.17
CA ASN A 50 -15.46 -22.14 40.99
C ASN A 50 -15.70 -22.42 39.50
N LYS A 51 -14.59 -22.58 38.78
CA LYS A 51 -14.65 -22.78 37.33
C LYS A 51 -13.67 -23.88 36.93
N TRP A 52 -13.75 -24.26 35.66
CA TRP A 52 -12.87 -25.27 35.09
C TRP A 52 -12.04 -24.62 33.98
N ILE A 53 -10.74 -24.89 33.99
CA ILE A 53 -9.81 -24.32 33.02
C ILE A 53 -9.24 -25.47 32.20
N ALA A 54 -9.30 -25.33 30.88
CA ALA A 54 -8.77 -26.32 29.94
C ALA A 54 -7.79 -25.64 29.00
N PHE A 55 -6.73 -26.34 28.65
CA PHE A 55 -5.71 -25.84 27.75
C PHE A 55 -5.81 -26.57 26.41
N GLU A 56 -5.87 -25.82 25.33
CA GLU A 56 -5.92 -26.38 23.99
C GLU A 56 -4.96 -25.63 23.08
N LEU A 57 -4.44 -26.33 22.08
CA LEU A 57 -3.49 -25.74 21.15
C LEU A 57 -4.22 -24.89 20.11
N GLU A 58 -3.44 -24.14 19.34
CA GLU A 58 -4.00 -23.25 18.34
C GLU A 58 -4.79 -24.05 17.30
N GLY A 59 -6.10 -23.82 17.26
CA GLY A 59 -6.93 -24.48 16.27
C GLY A 59 -7.17 -25.95 16.53
N GLN A 60 -7.02 -26.41 17.77
CA GLN A 60 -7.21 -27.81 18.14
C GLN A 60 -8.13 -27.87 19.35
N PRO A 61 -9.43 -27.64 19.16
CA PRO A 61 -10.34 -27.67 20.31
C PRO A 61 -10.40 -29.05 20.95
N ARG A 62 -10.68 -29.06 22.25
CA ARG A 62 -10.79 -30.28 23.03
C ARG A 62 -12.24 -30.52 23.44
N LYS A 63 -12.55 -31.78 23.73
CA LYS A 63 -13.91 -32.18 24.08
C LYS A 63 -14.15 -31.89 25.55
N PHE A 64 -14.66 -30.70 25.83
CA PHE A 64 -15.00 -30.27 27.17
C PHE A 64 -16.31 -29.49 27.10
N PRO A 65 -17.04 -29.42 28.21
CA PRO A 65 -18.28 -28.65 28.22
C PRO A 65 -18.02 -27.17 27.97
N LYS A 66 -19.00 -26.51 27.33
CA LYS A 66 -18.83 -25.10 26.98
C LYS A 66 -18.54 -24.25 28.21
N ALA A 67 -19.03 -24.66 29.38
CA ALA A 67 -18.80 -23.88 30.59
C ALA A 67 -17.33 -23.82 30.95
N THR A 68 -16.56 -24.86 30.60
CA THR A 68 -15.15 -24.88 30.91
C THR A 68 -14.42 -23.76 30.18
N VAL A 69 -13.53 -23.07 30.90
CA VAL A 69 -12.76 -21.97 30.33
C VAL A 69 -11.60 -22.55 29.54
N ARG A 70 -11.45 -22.10 28.30
CA ARG A 70 -10.41 -22.57 27.40
C ARG A 70 -9.30 -21.53 27.30
N CYS A 71 -8.06 -21.96 27.50
CA CYS A 71 -6.89 -21.12 27.36
C CYS A 71 -6.08 -21.62 26.16
N ILE A 72 -6.01 -20.82 25.11
CA ILE A 72 -5.37 -21.23 23.86
C ILE A 72 -3.91 -20.78 23.89
N LEU A 73 -3.01 -21.73 23.62
CA LEU A 73 -1.58 -21.47 23.53
C LEU A 73 -1.22 -21.37 22.05
N ASN A 74 -1.02 -20.14 21.57
CA ASN A 74 -0.70 -19.94 20.16
C ASN A 74 0.73 -20.39 19.87
N ASN A 75 0.99 -20.65 18.59
CA ASN A 75 2.30 -21.14 18.17
C ASN A 75 3.39 -20.07 18.23
N ASP A 76 3.03 -18.81 18.43
CA ASP A 76 4.00 -17.71 18.49
C ASP A 76 4.23 -17.24 19.91
N ALA A 77 4.20 -18.16 20.88
CA ALA A 77 4.52 -17.84 22.27
C ALA A 77 3.60 -16.75 22.83
N THR A 78 2.32 -16.82 22.46
CA THR A 78 1.31 -15.93 23.02
C THR A 78 0.09 -16.75 23.38
N TYR A 79 -0.66 -16.25 24.36
CA TYR A 79 -1.77 -17.00 24.95
C TYR A 79 -3.03 -16.15 24.95
N VAL A 80 -4.17 -16.82 24.76
CA VAL A 80 -5.46 -16.16 24.66
C VAL A 80 -6.43 -16.82 25.64
N CYS A 81 -7.18 -16.02 26.37
CA CYS A 81 -8.20 -16.55 27.27
C CYS A 81 -9.26 -15.49 27.50
N SER A 82 -10.50 -15.94 27.64
CA SER A 82 -11.61 -15.02 27.88
C SER A 82 -11.42 -14.28 29.21
N GLU A 83 -10.98 -14.99 30.24
CA GLU A 83 -10.73 -14.39 31.54
C GLU A 83 -9.34 -13.79 31.55
N GLN A 84 -9.26 -12.47 31.68
CA GLN A 84 -7.97 -11.78 31.61
C GLN A 84 -7.01 -12.31 32.67
N GLU A 85 -7.53 -12.65 33.86
CA GLU A 85 -6.66 -13.12 34.93
C GLU A 85 -5.95 -14.41 34.53
N TYR A 86 -6.68 -15.36 33.96
CA TYR A 86 -6.06 -16.60 33.54
C TYR A 86 -5.04 -16.37 32.43
N GLN A 87 -5.34 -15.44 31.51
CA GLN A 87 -4.39 -15.11 30.47
C GLN A 87 -3.10 -14.55 31.05
N GLN A 88 -3.21 -13.64 32.01
CA GLN A 88 -2.02 -13.10 32.65
C GLN A 88 -1.25 -14.18 33.40
N ILE A 89 -1.98 -15.06 34.09
CA ILE A 89 -1.32 -16.13 34.84
C ILE A 89 -0.54 -17.03 33.89
N CYS A 90 -1.15 -17.41 32.77
CA CYS A 90 -0.47 -18.30 31.83
C CYS A 90 0.71 -17.59 31.18
N LYS A 91 0.57 -16.31 30.86
CA LYS A 91 1.67 -15.57 30.27
C LYS A 91 2.86 -15.50 31.23
N VAL A 92 2.59 -15.24 32.50
CA VAL A 92 3.67 -15.12 33.47
C VAL A 92 4.29 -16.49 33.74
N GLN A 93 3.46 -17.52 33.88
CA GLN A 93 3.94 -18.84 34.29
C GLN A 93 4.58 -19.61 33.14
N PHE A 94 4.10 -19.42 31.91
CA PHE A 94 4.63 -20.12 30.75
C PHE A 94 5.81 -19.40 30.10
N LYS A 95 6.54 -18.59 30.87
CA LYS A 95 7.73 -17.96 30.32
C LYS A 95 8.71 -19.00 29.80
N ASP A 96 8.88 -20.09 30.54
CA ASP A 96 9.71 -21.21 30.09
C ASP A 96 8.96 -21.96 29.00
N TYR A 97 9.43 -21.84 27.75
CA TYR A 97 8.73 -22.41 26.61
C TYR A 97 9.03 -23.90 26.53
N LEU A 98 8.03 -24.72 26.81
CA LEU A 98 8.13 -26.17 26.71
C LEU A 98 7.23 -26.63 25.56
N GLU A 99 7.82 -27.33 24.59
CA GLU A 99 7.06 -27.75 23.42
C GLU A 99 6.10 -28.86 23.78
N ILE A 100 4.85 -28.71 23.35
CA ILE A 100 3.79 -29.67 23.62
C ILE A 100 3.51 -30.47 22.35
N ASP A 101 3.38 -31.78 22.49
CA ASP A 101 3.10 -32.63 21.34
C ASP A 101 1.78 -32.24 20.70
N GLY A 102 1.67 -32.51 19.40
CA GLY A 102 0.49 -32.18 18.64
C GLY A 102 0.53 -30.84 17.94
N VAL A 103 1.55 -30.02 18.22
CA VAL A 103 1.69 -28.75 17.52
C VAL A 103 1.90 -29.02 16.04
N VAL A 104 1.17 -28.29 15.21
CA VAL A 104 1.24 -28.49 13.75
C VAL A 104 2.49 -27.78 13.25
N LYS A 105 3.45 -28.56 12.77
CA LYS A 105 4.68 -28.02 12.21
C LYS A 105 4.50 -27.70 10.73
N VAL A 106 5.28 -26.73 10.25
CA VAL A 106 5.16 -26.31 8.86
C VAL A 106 5.51 -27.46 7.92
N GLY A 107 6.37 -28.38 8.37
CA GLY A 107 6.75 -29.53 7.58
C GLY A 107 5.83 -30.71 7.70
N HIS A 108 4.65 -30.54 8.28
CA HIS A 108 3.72 -31.65 8.46
C HIS A 108 3.38 -32.27 7.12
N LYS A 109 3.40 -33.61 7.08
CA LYS A 109 3.10 -34.38 5.88
C LYS A 109 1.73 -35.03 6.04
N ALA A 110 0.82 -34.70 5.14
CA ALA A 110 -0.54 -35.23 5.19
C ALA A 110 -0.60 -36.61 4.52
N SER A 111 -1.70 -37.32 4.77
CA SER A 111 -1.89 -38.65 4.21
C SER A 111 -2.05 -38.62 2.69
N TYR A 112 -2.41 -37.48 2.12
CA TYR A 112 -2.63 -37.35 0.69
C TYR A 112 -1.44 -36.71 -0.03
N ASP A 113 -0.30 -36.58 0.65
CA ASP A 113 0.86 -35.94 0.02
C ASP A 113 1.31 -36.71 -1.20
N ALA A 114 1.40 -38.04 -1.09
CA ALA A 114 1.88 -38.85 -2.20
C ALA A 114 0.94 -38.76 -3.40
N GLU A 115 -0.37 -38.80 -3.15
CA GLU A 115 -1.32 -38.72 -4.25
C GLU A 115 -1.21 -37.40 -5.00
N LEU A 116 -1.11 -36.30 -4.26
CA LEU A 116 -0.96 -35.00 -4.91
C LEU A 116 0.36 -34.90 -5.65
N ARG A 117 1.42 -35.49 -5.09
CA ARG A 117 2.70 -35.49 -5.79
C ARG A 117 2.61 -36.26 -7.11
N GLU A 118 1.93 -37.41 -7.10
CA GLU A 118 1.75 -38.15 -8.35
C GLU A 118 0.92 -37.35 -9.34
N ARG A 119 -0.14 -36.68 -8.86
CA ARG A 119 -0.96 -35.87 -9.75
C ARG A 119 -0.13 -34.75 -10.38
N LEU A 120 0.71 -34.10 -9.59
CA LEU A 120 1.60 -33.07 -10.13
C LEU A 120 2.55 -33.65 -11.15
N LEU A 121 3.09 -34.84 -10.87
CA LEU A 121 4.00 -35.47 -11.82
C LEU A 121 3.31 -35.74 -13.15
N GLU A 122 2.06 -36.21 -13.11
CA GLU A 122 1.35 -36.53 -14.34
C GLU A 122 1.00 -35.27 -15.14
N LEU A 123 1.03 -34.10 -14.52
CA LEU A 123 0.62 -32.87 -15.18
C LEU A 123 1.74 -32.34 -16.08
N PRO A 124 1.42 -31.41 -16.98
CA PRO A 124 2.44 -30.92 -17.93
C PRO A 124 3.59 -30.21 -17.22
N HIS A 125 4.75 -30.27 -17.84
CA HIS A 125 5.96 -29.63 -17.36
C HIS A 125 6.54 -28.76 -18.46
N PRO A 126 7.32 -27.75 -18.09
CA PRO A 126 7.88 -26.85 -19.11
C PRO A 126 9.11 -27.43 -19.78
N LYS A 127 9.45 -26.86 -20.93
CA LYS A 127 10.65 -27.19 -21.67
C LYS A 127 11.77 -26.22 -21.31
N SER A 128 13.00 -26.62 -21.64
CA SER A 128 14.16 -25.85 -21.21
C SER A 128 14.10 -24.41 -21.69
N GLY A 129 14.10 -24.21 -22.99
CA GLY A 129 14.12 -22.87 -23.55
C GLY A 129 15.51 -22.46 -23.99
N PRO A 130 15.61 -21.42 -24.81
CA PRO A 130 16.92 -21.04 -25.37
C PRO A 130 17.68 -20.08 -24.46
N LYS A 131 19.00 -20.28 -24.43
CA LYS A 131 19.88 -19.39 -23.68
C LYS A 131 20.14 -18.13 -24.50
N PRO A 132 19.88 -16.93 -23.97
CA PRO A 132 20.04 -15.72 -24.78
C PRO A 132 21.50 -15.38 -25.00
N ARG A 133 21.76 -14.71 -26.11
CA ARG A 133 23.07 -14.14 -26.41
C ARG A 133 23.01 -12.64 -26.18
N ILE A 134 23.84 -12.14 -25.26
CA ILE A 134 23.79 -10.76 -24.83
C ILE A 134 25.07 -10.07 -25.28
N GLU A 135 24.92 -8.98 -26.02
CA GLU A 135 26.03 -8.14 -26.44
C GLU A 135 25.89 -6.78 -25.79
N TRP A 136 26.94 -6.33 -25.10
CA TRP A 136 26.93 -5.07 -24.39
C TRP A 136 27.61 -4.00 -25.23
N VAL A 137 26.91 -2.89 -25.44
CA VAL A 137 27.40 -1.80 -26.29
C VAL A 137 27.17 -0.49 -25.56
N ALA A 138 27.66 0.60 -26.16
CA ALA A 138 27.50 1.91 -25.56
C ALA A 138 26.04 2.35 -25.64
N PRO A 139 25.60 3.24 -24.75
CA PRO A 139 24.21 3.69 -24.77
C PRO A 139 23.91 4.48 -26.03
N PRO A 140 22.62 4.70 -26.34
CA PRO A 140 22.28 5.41 -27.56
C PRO A 140 22.84 6.82 -27.57
N ARG A 141 23.16 7.31 -28.77
CA ARG A 141 23.71 8.64 -28.96
C ARG A 141 22.61 9.60 -29.42
N LEU A 142 22.98 10.87 -29.56
CA LEU A 142 22.02 11.88 -30.00
C LEU A 142 21.37 11.49 -31.32
N ALA A 143 22.12 10.82 -32.20
CA ALA A 143 21.56 10.44 -33.49
C ALA A 143 20.39 9.49 -33.34
N ASP A 144 20.48 8.55 -32.39
CA ASP A 144 19.39 7.60 -32.19
C ASP A 144 18.12 8.28 -31.69
N ILE A 145 18.27 9.21 -30.75
CA ILE A 145 17.10 9.94 -30.24
C ILE A 145 16.50 10.80 -31.36
N SER A 146 17.34 11.44 -32.16
CA SER A 146 16.84 12.21 -33.28
C SER A 146 16.10 11.32 -34.27
N LYS A 147 16.63 10.11 -34.50
CA LYS A 147 15.95 9.18 -35.39
C LYS A 147 14.59 8.78 -34.84
N GLU A 148 14.50 8.53 -33.53
CA GLU A 148 13.21 8.18 -32.94
C GLU A 148 12.21 9.33 -33.08
N THR A 149 12.66 10.55 -32.80
CA THR A 149 11.77 11.70 -32.91
C THR A 149 11.31 11.90 -34.35
N ALA A 150 12.23 11.78 -35.32
CA ALA A 150 11.86 11.94 -36.72
C ALA A 150 10.90 10.84 -37.17
N GLU A 151 11.12 9.60 -36.71
CA GLU A 151 10.22 8.52 -37.06
C GLU A 151 8.82 8.80 -36.54
N LEU A 152 8.72 9.25 -35.28
CA LEU A 152 7.40 9.58 -34.72
C LEU A 152 6.75 10.71 -35.53
N LYS A 153 7.53 11.75 -35.84
CA LYS A 153 6.97 12.90 -36.53
C LYS A 153 6.46 12.52 -37.92
N ARG A 154 7.22 11.72 -38.66
CA ARG A 154 6.81 11.32 -40.00
C ARG A 154 5.70 10.28 -39.98
N GLN A 155 5.59 9.49 -38.90
CA GLN A 155 4.51 8.52 -38.81
C GLN A 155 3.18 9.20 -38.51
N TYR A 156 3.18 10.19 -37.60
CA TYR A 156 1.94 10.77 -37.13
C TYR A 156 1.69 12.21 -37.58
N GLY A 157 2.72 12.96 -37.94
CA GLY A 157 2.49 14.31 -38.40
C GLY A 157 2.11 15.25 -37.27
N PHE A 158 1.56 16.40 -37.66
CA PHE A 158 1.22 17.46 -36.72
C PHE A 158 -0.19 17.99 -37.00
N PHE A 159 -0.83 18.48 -35.95
CA PHE A 159 -2.11 19.16 -36.09
C PHE A 159 -1.88 20.61 -36.52
N GLU A 160 -2.94 21.22 -37.05
CA GLU A 160 -2.84 22.62 -37.47
C GLU A 160 -2.85 23.56 -36.28
N CYS A 161 -3.64 23.24 -35.25
CA CYS A 161 -3.72 24.04 -34.04
C CYS A 161 -3.38 23.17 -32.83
N SER A 162 -3.28 23.82 -31.68
CA SER A 162 -2.89 23.14 -30.44
C SER A 162 -4.07 22.48 -29.74
N LYS A 163 -5.29 22.66 -30.24
CA LYS A 163 -6.48 21.99 -29.69
C LYS A 163 -6.61 22.39 -28.22
N PHE A 164 -6.98 21.47 -27.34
CA PHE A 164 -7.23 21.83 -25.95
C PHE A 164 -5.99 22.39 -25.26
N LEU A 165 -4.79 22.06 -25.76
CA LEU A 165 -3.57 22.60 -25.17
C LEU A 165 -3.51 24.12 -25.30
N ALA A 166 -4.27 24.70 -26.22
CA ALA A 166 -4.33 26.15 -26.35
C ALA A 166 -5.23 26.80 -25.31
N CYS A 167 -5.99 26.02 -24.55
CA CYS A 167 -6.86 26.56 -23.53
C CYS A 167 -6.10 27.11 -22.33
N GLY A 168 -4.80 26.87 -22.25
CA GLY A 168 -3.99 27.41 -21.17
C GLY A 168 -3.71 28.89 -21.27
N GLU A 169 -4.09 29.53 -22.38
CA GLU A 169 -3.94 30.95 -22.58
C GLU A 169 -5.31 31.61 -22.68
N GLU A 170 -5.36 32.89 -22.36
CA GLU A 170 -6.62 33.62 -22.37
C GLU A 170 -7.23 33.62 -23.76
N CYS A 171 -8.55 33.51 -23.82
CA CYS A 171 -9.29 33.51 -25.08
C CYS A 171 -9.69 34.91 -25.53
N GLY A 172 -9.41 35.94 -24.73
CA GLY A 172 -9.74 37.29 -25.11
C GLY A 172 -11.21 37.66 -25.00
N LEU A 173 -11.96 36.96 -24.14
CA LEU A 173 -13.38 37.25 -23.92
C LEU A 173 -13.65 37.35 -22.44
N ASP A 174 -14.62 38.19 -22.09
CA ASP A 174 -15.02 38.36 -20.70
C ASP A 174 -15.95 37.21 -20.29
N GLN A 175 -16.31 37.19 -19.00
CA GLN A 175 -17.08 36.08 -18.47
C GLN A 175 -18.41 35.91 -19.19
N GLU A 176 -19.12 37.03 -19.41
CA GLU A 176 -20.42 36.94 -20.06
C GLU A 176 -20.30 36.41 -21.47
N ALA A 177 -19.32 36.92 -22.23
CA ALA A 177 -19.11 36.46 -23.59
C ALA A 177 -18.70 34.99 -23.60
N ARG A 178 -17.84 34.58 -22.67
CA ARG A 178 -17.43 33.18 -22.61
C ARG A 178 -18.62 32.27 -22.36
N GLU A 179 -19.48 32.64 -21.39
CA GLU A 179 -20.66 31.83 -21.11
C GLU A 179 -21.58 31.77 -22.31
N LEU A 180 -21.81 32.91 -22.96
CA LEU A 180 -22.66 32.93 -24.14
C LEU A 180 -22.10 32.03 -25.23
N ILE A 181 -20.80 32.11 -25.48
CA ILE A 181 -20.18 31.32 -26.54
C ILE A 181 -20.31 29.83 -26.23
N LEU A 182 -20.02 29.45 -24.99
CA LEU A 182 -20.11 28.03 -24.63
C LEU A 182 -21.54 27.51 -24.77
N ASN A 183 -22.51 28.28 -24.27
CA ASN A 183 -23.90 27.84 -24.35
C ASN A 183 -24.37 27.74 -25.80
N GLU A 184 -23.99 28.70 -26.63
CA GLU A 184 -24.44 28.69 -28.01
C GLU A 184 -23.73 27.60 -28.82
N TYR A 185 -22.47 27.30 -28.48
CA TYR A 185 -21.82 26.15 -29.11
C TYR A 185 -22.51 24.85 -28.73
N ALA A 186 -22.87 24.71 -27.44
CA ALA A 186 -23.59 23.52 -27.03
C ALA A 186 -24.92 23.40 -27.76
N ARG A 187 -25.63 24.51 -27.89
CA ARG A 187 -26.91 24.49 -28.61
C ARG A 187 -26.70 24.14 -30.09
N ASP A 188 -25.65 24.68 -30.70
CA ASP A 188 -25.42 24.45 -32.13
C ASP A 188 -25.15 22.98 -32.42
N ARG A 189 -24.54 22.26 -31.48
CA ARG A 189 -24.27 20.83 -31.65
C ARG A 189 -25.48 19.97 -31.30
N GLU A 190 -26.64 20.58 -31.06
CA GLU A 190 -27.87 19.85 -30.76
C GLU A 190 -27.71 18.98 -29.52
N PHE A 191 -27.02 19.51 -28.52
CA PHE A 191 -26.95 18.85 -27.22
C PHE A 191 -28.32 18.92 -26.54
N GLU A 192 -28.69 17.83 -25.89
CA GLU A 192 -29.94 17.81 -25.14
C GLU A 192 -29.86 18.77 -23.96
N PHE A 193 -30.97 19.45 -23.68
CA PHE A 193 -31.08 20.38 -22.57
C PHE A 193 -32.08 19.83 -21.56
N ARG A 194 -31.66 19.69 -20.32
CA ARG A 194 -32.50 19.12 -19.28
C ARG A 194 -32.11 19.70 -17.93
N ASN A 195 -33.08 20.23 -17.21
CA ASN A 195 -32.85 20.81 -15.89
C ASN A 195 -31.74 21.84 -15.92
N GLY A 196 -31.73 22.65 -16.98
CA GLY A 196 -30.72 23.69 -17.10
C GLY A 196 -29.32 23.18 -17.34
N GLY A 197 -29.18 21.94 -17.81
CA GLY A 197 -27.88 21.38 -18.07
C GLY A 197 -27.82 20.72 -19.44
N TRP A 198 -26.62 20.70 -20.00
CA TRP A 198 -26.39 20.12 -21.32
C TRP A 198 -25.96 18.67 -21.19
N ILE A 199 -26.40 17.85 -22.13
CA ILE A 199 -26.04 16.44 -22.20
C ILE A 199 -25.76 16.09 -23.66
N GLN A 200 -24.69 15.35 -23.89
CA GLN A 200 -24.35 14.88 -25.24
C GLN A 200 -24.91 13.47 -25.40
N ARG A 201 -25.69 13.28 -26.46
CA ARG A 201 -26.37 12.01 -26.72
C ARG A 201 -25.68 11.29 -27.87
N TYR A 202 -25.44 9.99 -27.69
CA TYR A 202 -24.83 9.15 -28.71
C TYR A 202 -25.64 7.88 -28.88
N THR A 203 -25.64 7.36 -30.12
CA THR A 203 -26.35 6.13 -30.43
C THR A 203 -25.40 5.02 -30.87
N VAL A 204 -24.58 5.26 -31.89
CA VAL A 204 -23.71 4.24 -32.46
C VAL A 204 -22.28 4.76 -32.44
N ALA A 205 -21.34 3.87 -32.13
CA ALA A 205 -19.93 4.21 -32.06
C ALA A 205 -19.17 3.45 -33.13
N SER A 206 -18.43 4.18 -33.97
CA SER A 206 -17.50 3.55 -34.91
C SER A 206 -16.31 3.05 -34.12
N HIS A 207 -16.26 1.74 -33.88
CA HIS A 207 -15.30 1.19 -32.93
C HIS A 207 -13.89 1.20 -33.49
N LYS A 208 -13.35 2.40 -33.70
CA LYS A 208 -11.97 2.58 -34.13
C LYS A 208 -11.40 3.79 -33.40
N PRO A 209 -10.09 3.83 -33.21
CA PRO A 209 -9.49 4.97 -32.50
C PRO A 209 -9.63 6.27 -33.29
N ALA A 210 -9.67 7.37 -32.56
CA ALA A 210 -9.71 8.68 -33.19
C ALA A 210 -8.37 9.00 -33.84
N THR A 211 -8.38 10.01 -34.71
CA THR A 211 -7.16 10.42 -35.37
C THR A 211 -6.12 10.87 -34.35
N GLN A 212 -4.89 10.38 -34.50
CA GLN A 212 -3.79 10.71 -33.61
C GLN A 212 -2.78 11.56 -34.36
N LYS A 213 -2.41 12.70 -33.77
CA LYS A 213 -1.41 13.59 -34.34
C LYS A 213 -0.75 14.35 -33.20
N ILE A 214 0.36 15.00 -33.50
CA ILE A 214 1.14 15.73 -32.51
C ILE A 214 0.65 17.16 -32.44
N LEU A 215 0.38 17.63 -31.24
CA LEU A 215 -0.09 19.01 -31.04
C LEU A 215 1.10 19.96 -31.00
N PRO A 216 1.09 21.04 -31.79
CA PRO A 216 2.12 22.06 -31.62
C PRO A 216 1.98 22.78 -30.29
N LEU A 217 3.09 23.29 -29.79
CA LEU A 217 3.11 23.92 -28.47
C LEU A 217 2.64 25.36 -28.56
N PRO A 218 1.62 25.76 -27.80
CA PRO A 218 1.32 27.19 -27.67
C PRO A 218 2.50 27.95 -27.08
N ALA A 219 2.38 29.28 -27.10
CA ALA A 219 3.48 30.12 -26.62
C ALA A 219 3.74 29.91 -25.14
N SER A 220 2.68 29.82 -24.34
CA SER A 220 2.83 29.69 -22.89
C SER A 220 1.53 29.11 -22.33
N ALA A 221 1.53 28.86 -21.03
CA ALA A 221 0.36 28.34 -20.31
C ALA A 221 0.16 29.14 -19.04
N PRO A 222 -0.22 30.42 -19.15
CA PRO A 222 -0.45 31.23 -17.95
C PRO A 222 -1.54 30.68 -17.05
N LEU A 223 -2.57 30.04 -17.61
CA LEU A 223 -3.72 29.58 -16.86
C LEU A 223 -3.72 28.08 -16.61
N ALA A 224 -2.53 27.48 -16.47
CA ALA A 224 -2.45 26.05 -16.21
C ALA A 224 -3.15 25.69 -14.90
N ARG A 225 -2.86 26.44 -13.84
CA ARG A 225 -3.48 26.18 -12.55
C ARG A 225 -5.00 26.36 -12.63
N GLU A 226 -5.44 27.42 -13.29
CA GLU A 226 -6.87 27.66 -13.45
C GLU A 226 -7.53 26.52 -14.22
N LEU A 227 -6.90 26.07 -15.31
CA LEU A 227 -7.47 24.99 -16.10
C LEU A 227 -7.57 23.71 -15.29
N LEU A 228 -6.51 23.37 -14.55
CA LEU A 228 -6.55 22.15 -13.75
C LEU A 228 -7.60 22.23 -12.66
N MET A 229 -7.72 23.40 -12.01
CA MET A 229 -8.75 23.56 -10.99
C MET A 229 -10.14 23.43 -11.60
N LEU A 230 -10.35 24.00 -12.79
CA LEU A 230 -11.65 23.88 -13.45
C LEU A 230 -11.97 22.42 -13.78
N ILE A 231 -10.98 21.68 -14.27
CA ILE A 231 -11.21 20.27 -14.58
C ILE A 231 -11.51 19.49 -13.31
N ALA A 232 -10.83 19.83 -12.21
CA ALA A 232 -11.12 19.17 -10.94
C ALA A 232 -12.55 19.47 -10.48
N ARG A 233 -12.99 20.71 -10.63
CA ARG A 233 -14.36 21.05 -10.26
C ARG A 233 -15.37 20.33 -11.15
N SER A 234 -15.04 20.17 -12.43
CA SER A 234 -15.97 19.58 -13.39
C SER A 234 -16.17 18.09 -13.18
N THR A 235 -15.38 17.45 -12.33
CA THR A 235 -15.54 16.01 -12.12
C THR A 235 -16.96 15.67 -11.69
N THR A 236 -17.64 16.61 -11.05
CA THR A 236 -19.00 16.41 -10.59
C THR A 236 -19.98 17.47 -11.07
N GLN A 237 -19.54 18.72 -11.22
CA GLN A 237 -20.39 19.80 -11.71
C GLN A 237 -20.33 19.79 -13.23
N ALA A 238 -21.16 18.93 -13.84
CA ALA A 238 -21.21 18.77 -15.28
C ALA A 238 -22.56 19.22 -15.81
N GLY A 239 -22.55 19.77 -17.02
CA GLY A 239 -23.75 20.23 -17.68
C GLY A 239 -23.94 21.73 -17.67
N LYS A 240 -23.21 22.45 -16.82
CA LYS A 240 -23.31 23.90 -16.72
C LYS A 240 -21.93 24.52 -16.83
N VAL A 241 -21.88 25.74 -17.36
CA VAL A 241 -20.62 26.42 -17.58
C VAL A 241 -19.98 26.75 -16.23
N LEU A 242 -18.71 26.39 -16.08
CA LEU A 242 -17.94 26.69 -14.87
C LEU A 242 -17.00 27.84 -15.17
N HIS A 243 -16.97 28.83 -14.27
CA HIS A 243 -16.23 30.06 -14.48
C HIS A 243 -15.01 30.11 -13.58
N SER A 244 -13.94 30.71 -14.11
CA SER A 244 -12.74 30.98 -13.33
C SER A 244 -12.40 32.46 -13.44
N ASP A 245 -11.24 32.85 -12.92
CA ASP A 245 -10.86 34.27 -12.98
C ASP A 245 -10.70 34.75 -14.41
N ASN A 246 -10.10 33.91 -15.27
CA ASN A 246 -9.77 34.33 -16.64
C ASN A 246 -10.17 33.32 -17.70
N THR A 247 -10.94 32.29 -17.34
CA THR A 247 -11.32 31.28 -18.33
C THR A 247 -12.53 30.52 -17.82
N SER A 248 -13.17 29.79 -18.73
CA SER A 248 -14.34 28.98 -18.42
C SER A 248 -14.31 27.72 -19.27
N ILE A 249 -14.98 26.68 -18.77
CA ILE A 249 -15.13 25.42 -19.50
C ILE A 249 -16.54 24.90 -19.26
N LEU A 250 -16.93 23.91 -20.07
CA LEU A 250 -18.23 23.27 -19.95
C LEU A 250 -18.03 21.77 -20.05
N ALA A 251 -18.25 21.05 -18.96
CA ALA A 251 -18.17 19.60 -18.94
C ALA A 251 -19.57 19.03 -19.06
N VAL A 252 -19.88 18.43 -20.21
CA VAL A 252 -21.20 17.87 -20.47
C VAL A 252 -21.11 16.36 -20.36
N PRO A 253 -22.02 15.71 -19.64
CA PRO A 253 -22.01 14.24 -19.61
C PRO A 253 -22.30 13.66 -20.99
N VAL A 254 -21.68 12.53 -21.29
CA VAL A 254 -21.91 11.80 -22.52
C VAL A 254 -22.78 10.60 -22.18
N MET A 255 -24.02 10.61 -22.69
CA MET A 255 -25.04 9.67 -22.27
C MET A 255 -25.64 8.97 -23.47
N ARG A 256 -25.92 7.68 -23.33
CA ARG A 256 -26.50 6.90 -24.41
C ARG A 256 -27.93 7.36 -24.69
N ASP A 257 -28.30 7.36 -25.97
CA ASP A 257 -29.65 7.74 -26.39
C ASP A 257 -30.45 6.45 -26.63
N SER A 258 -30.88 5.83 -25.53
CA SER A 258 -31.65 4.60 -25.64
C SER A 258 -32.97 4.83 -26.36
N GLY A 259 -33.64 5.94 -26.06
CA GLY A 259 -34.93 6.23 -26.66
C GLY A 259 -35.72 7.16 -25.75
N LYS A 260 -37.04 6.94 -25.73
CA LYS A 260 -37.90 7.73 -24.86
C LYS A 260 -37.52 7.53 -23.40
N HIS A 261 -37.30 6.30 -22.99
CA HIS A 261 -36.86 5.99 -21.62
C HIS A 261 -35.34 5.82 -21.61
N SER A 262 -34.65 6.96 -21.73
CA SER A 262 -33.20 7.00 -21.77
C SER A 262 -32.66 7.50 -20.44
N LYS A 263 -31.37 7.28 -20.23
CA LYS A 263 -30.71 7.74 -19.02
C LYS A 263 -30.88 9.24 -18.87
N ARG A 264 -31.32 9.67 -17.69
CA ARG A 264 -31.57 11.08 -17.42
C ARG A 264 -30.54 11.70 -16.50
N ARG A 265 -29.92 10.92 -15.63
CA ARG A 265 -28.97 11.45 -14.66
C ARG A 265 -27.65 10.73 -14.81
N PRO A 266 -26.54 11.46 -14.86
CA PRO A 266 -25.24 10.80 -14.98
C PRO A 266 -24.95 9.86 -13.81
N THR A 267 -24.30 8.73 -14.12
CA THR A 267 -23.91 7.75 -13.13
C THR A 267 -22.41 7.88 -12.86
N ALA A 268 -21.87 6.94 -12.07
CA ALA A 268 -20.47 7.02 -11.68
C ALA A 268 -19.54 6.92 -12.88
N SER A 269 -19.85 6.02 -13.82
CA SER A 269 -18.94 5.71 -14.91
C SER A 269 -19.20 6.52 -16.18
N THR A 270 -20.17 7.45 -16.16
CA THR A 270 -20.45 8.24 -17.34
C THR A 270 -19.29 9.18 -17.64
N HIS A 271 -18.86 9.18 -18.90
CA HIS A 271 -17.73 10.01 -19.32
C HIS A 271 -18.17 11.46 -19.47
N HIS A 272 -17.18 12.34 -19.59
CA HIS A 272 -17.44 13.77 -19.76
C HIS A 272 -16.81 14.25 -21.06
N LEU A 273 -17.41 15.29 -21.64
CA LEU A 273 -16.83 16.04 -22.74
C LEU A 273 -16.57 17.44 -22.23
N VAL A 274 -15.30 17.80 -22.12
CA VAL A 274 -14.89 19.10 -21.61
C VAL A 274 -14.65 20.02 -22.79
N VAL A 275 -15.35 21.16 -22.81
CA VAL A 275 -15.27 22.13 -23.89
C VAL A 275 -14.63 23.39 -23.34
N GLY A 276 -13.60 23.87 -24.03
CA GLY A 276 -12.87 25.05 -23.60
C GLY A 276 -12.69 26.03 -24.73
N LEU A 277 -12.41 27.27 -24.34
CA LEU A 277 -12.28 28.39 -25.27
C LEU A 277 -10.83 28.85 -25.34
N SER A 278 -10.42 29.24 -26.55
CA SER A 278 -9.11 29.81 -26.78
C SER A 278 -9.23 30.88 -27.86
N LYS A 279 -8.11 31.55 -28.16
CA LYS A 279 -8.13 32.60 -29.16
C LYS A 279 -8.55 32.03 -30.51
N PRO A 280 -9.27 32.80 -31.32
CA PRO A 280 -9.71 32.28 -32.62
C PRO A 280 -8.58 32.29 -33.64
N GLY A 281 -8.84 31.63 -34.76
CA GLY A 281 -7.88 31.58 -35.85
C GLY A 281 -7.49 30.18 -36.26
N CYS A 282 -8.36 29.20 -35.99
CA CYS A 282 -8.11 27.82 -36.36
C CYS A 282 -9.39 27.23 -36.93
N GLU A 283 -9.34 25.93 -37.23
CA GLU A 283 -10.49 25.26 -37.82
C GLU A 283 -11.69 25.28 -36.88
N HIS A 284 -11.45 25.09 -35.59
CA HIS A 284 -12.54 24.99 -34.61
C HIS A 284 -12.97 26.37 -34.12
N ASP A 285 -13.29 27.26 -35.05
CA ASP A 285 -13.73 28.60 -34.70
C ASP A 285 -15.25 28.65 -34.58
N PHE A 286 -15.72 29.51 -33.69
CA PHE A 286 -17.15 29.69 -33.46
C PHE A 286 -17.42 31.17 -33.24
N GLU A 287 -18.45 31.68 -33.89
CA GLU A 287 -18.82 33.09 -33.84
C GLU A 287 -20.27 33.23 -33.40
N PHE A 288 -20.52 34.22 -32.54
CA PHE A 288 -21.87 34.49 -32.07
C PHE A 288 -21.92 35.92 -31.54
N ASP A 289 -22.80 36.74 -32.12
CA ASP A 289 -22.97 38.13 -31.69
C ASP A 289 -21.65 38.89 -31.70
N GLY A 290 -20.85 38.64 -32.73
CA GLY A 290 -19.57 39.30 -32.87
C GLY A 290 -18.47 38.76 -31.99
N TYR A 291 -18.77 37.81 -31.11
CA TYR A 291 -17.78 37.18 -30.26
C TYR A 291 -17.25 35.94 -30.97
N ARG A 292 -15.94 35.89 -31.19
CA ARG A 292 -15.29 34.78 -31.87
C ARG A 292 -14.34 34.07 -30.91
N ALA A 293 -14.35 32.75 -30.95
CA ALA A 293 -13.44 31.99 -30.10
C ALA A 293 -13.26 30.60 -30.69
N ALA A 294 -12.09 30.01 -30.44
CA ALA A 294 -11.82 28.64 -30.84
C ALA A 294 -12.31 27.70 -29.75
N VAL A 295 -13.21 26.79 -30.11
CA VAL A 295 -13.82 25.87 -29.16
C VAL A 295 -13.18 24.50 -29.34
N HIS A 296 -12.54 24.00 -28.29
CA HIS A 296 -11.82 22.73 -28.35
C HIS A 296 -12.35 21.78 -27.30
N VAL A 297 -12.50 20.52 -27.67
CA VAL A 297 -13.16 19.52 -26.83
C VAL A 297 -12.15 18.45 -26.42
N MET A 298 -12.48 17.77 -25.33
CA MET A 298 -11.67 16.66 -24.84
C MET A 298 -12.60 15.65 -24.17
N HIS A 299 -12.56 14.41 -24.61
CA HIS A 299 -13.37 13.34 -24.03
C HIS A 299 -12.59 12.67 -22.91
N LEU A 300 -13.10 12.79 -21.69
CA LEU A 300 -12.38 12.35 -20.50
C LEU A 300 -13.17 11.30 -19.73
N ASP A 301 -12.46 10.29 -19.27
CA ASP A 301 -13.02 9.31 -18.35
C ASP A 301 -13.22 9.94 -16.98
N PRO A 302 -14.06 9.34 -16.13
CA PRO A 302 -14.14 9.84 -14.74
C PRO A 302 -12.81 9.78 -14.02
N LYS A 303 -12.12 8.64 -14.09
CA LYS A 303 -10.83 8.51 -13.43
C LYS A 303 -9.79 9.42 -14.08
N GLN A 304 -9.85 9.58 -15.39
CA GLN A 304 -8.92 10.49 -16.08
C GLN A 304 -9.11 11.91 -15.57
N SER A 305 -10.35 12.37 -15.49
CA SER A 305 -10.62 13.72 -15.01
C SER A 305 -10.18 13.88 -13.56
N ALA A 306 -10.47 12.88 -12.72
CA ALA A 306 -10.05 12.97 -11.33
C ALA A 306 -8.53 13.07 -11.23
N ASN A 307 -7.81 12.22 -11.97
CA ASN A 307 -6.35 12.24 -11.93
C ASN A 307 -5.81 13.57 -12.41
N ILE A 308 -6.38 14.12 -13.48
CA ILE A 308 -5.89 15.40 -14.00
C ILE A 308 -6.14 16.52 -13.01
N GLY A 309 -7.26 16.46 -12.29
CA GLY A 309 -7.65 17.57 -11.43
C GLY A 309 -6.81 17.74 -10.18
N GLU A 310 -6.13 16.67 -9.74
CA GLU A 310 -5.40 16.71 -8.48
C GLU A 310 -3.94 17.13 -8.63
N GLN A 311 -3.48 17.39 -9.84
CA GLN A 311 -2.07 17.71 -10.04
C GLN A 311 -1.78 19.14 -9.57
N ASP A 312 -0.62 19.32 -8.96
CA ASP A 312 -0.16 20.62 -8.47
C ASP A 312 0.89 21.13 -9.47
N PHE A 313 0.46 22.07 -10.32
CA PHE A 313 1.35 22.59 -11.35
C PHE A 313 2.47 23.46 -10.76
N VAL A 314 2.11 24.37 -9.86
CA VAL A 314 3.08 25.34 -9.36
C VAL A 314 4.16 24.64 -8.53
N SER A 315 3.74 23.78 -7.60
CA SER A 315 4.72 23.09 -6.75
C SER A 315 5.63 22.20 -7.58
N THR A 316 5.06 21.49 -8.56
CA THR A 316 5.87 20.65 -9.42
C THR A 316 6.88 21.48 -10.19
N ARG A 317 6.47 22.62 -10.73
CA ARG A 317 7.38 23.48 -11.46
C ARG A 317 8.51 23.96 -10.55
N GLU A 318 8.19 24.38 -9.33
CA GLU A 318 9.22 24.86 -8.42
C GLU A 318 10.19 23.74 -8.06
N ILE A 319 9.68 22.55 -7.77
CA ILE A 319 10.56 21.44 -7.38
C ILE A 319 11.48 21.09 -8.53
N TYR A 320 10.95 21.07 -9.77
CA TYR A 320 11.82 20.83 -10.91
C TYR A 320 12.86 21.94 -11.05
N LYS A 321 12.46 23.19 -10.83
CA LYS A 321 13.37 24.31 -10.98
C LYS A 321 14.45 24.32 -9.91
N LEU A 322 14.26 23.59 -8.80
CA LEU A 322 15.24 23.63 -7.74
C LEU A 322 16.64 23.26 -8.23
N ASP A 323 16.76 22.23 -9.05
CA ASP A 323 18.05 21.67 -9.44
C ASP A 323 18.05 21.45 -10.96
N MET A 324 17.69 22.49 -11.71
CA MET A 324 17.56 22.41 -13.15
C MET A 324 18.69 23.16 -13.82
N LEU A 325 18.97 22.76 -15.06
CA LEU A 325 19.91 23.46 -15.91
C LEU A 325 19.18 24.49 -16.76
N GLU A 326 19.95 25.33 -17.43
CA GLU A 326 19.38 26.42 -18.24
C GLU A 326 18.56 25.82 -19.37
N LEU A 327 17.25 26.03 -19.32
CA LEU A 327 16.35 25.51 -20.36
C LEU A 327 16.50 26.36 -21.62
N PRO A 328 16.70 25.74 -22.78
CA PRO A 328 16.86 26.52 -24.02
C PRO A 328 15.51 26.87 -24.61
N PRO A 329 15.43 27.96 -25.39
CA PRO A 329 14.19 28.25 -26.10
C PRO A 329 13.91 27.20 -27.17
N ILE A 330 12.63 26.93 -27.39
CA ILE A 330 12.20 25.93 -28.36
C ILE A 330 11.07 26.49 -29.20
N SER A 331 10.85 25.86 -30.36
CA SER A 331 9.88 26.33 -31.33
C SER A 331 8.54 25.62 -31.12
N ARG A 332 7.59 25.84 -32.04
CA ARG A 332 6.27 25.25 -31.90
C ARG A 332 6.34 23.73 -31.88
N LYS A 333 7.35 23.14 -32.52
CA LYS A 333 7.47 21.71 -32.66
C LYS A 333 8.59 21.13 -31.80
N GLY A 334 8.92 21.81 -30.72
CA GLY A 334 9.94 21.29 -29.80
C GLY A 334 11.31 21.16 -30.42
N ASP A 335 11.72 22.14 -31.20
CA ASP A 335 13.04 22.17 -31.83
C ASP A 335 13.85 23.33 -31.26
N LEU A 336 15.14 23.08 -31.05
CA LEU A 336 16.01 24.13 -30.54
C LEU A 336 15.98 25.33 -31.47
N ASP A 337 15.75 26.52 -30.91
CA ASP A 337 15.65 27.73 -31.72
C ASP A 337 15.99 28.92 -30.82
N ARG A 338 17.20 29.44 -30.95
CA ARG A 338 17.66 30.56 -30.15
C ARG A 338 17.30 31.92 -30.77
N ALA A 339 16.77 31.93 -31.99
CA ALA A 339 16.43 33.18 -32.66
C ALA A 339 15.00 33.62 -32.34
N SER A 340 14.04 32.70 -32.42
CA SER A 340 12.64 33.02 -32.18
C SER A 340 11.98 32.12 -31.15
N GLY A 341 12.70 31.17 -30.57
CA GLY A 341 12.11 30.29 -29.60
C GLY A 341 11.78 30.98 -28.30
N LEU A 342 10.93 30.33 -27.50
CA LEU A 342 10.47 30.86 -26.23
C LEU A 342 10.74 29.84 -25.13
N GLU A 343 11.20 30.33 -23.98
CA GLU A 343 11.43 29.45 -22.84
C GLU A 343 10.16 29.14 -22.08
N THR A 344 9.09 29.90 -22.30
CA THR A 344 7.82 29.62 -21.65
C THR A 344 7.19 28.33 -22.17
N ARG A 345 7.55 27.90 -23.38
CA ARG A 345 6.98 26.67 -23.93
C ARG A 345 7.22 25.48 -23.02
N TRP A 346 8.31 25.50 -22.25
CA TRP A 346 8.57 24.41 -21.32
C TRP A 346 7.43 24.28 -20.32
N ASP A 347 6.94 25.40 -19.79
CA ASP A 347 5.75 25.36 -18.95
C ASP A 347 4.63 24.61 -19.65
N VAL A 348 4.41 24.93 -20.92
CA VAL A 348 3.36 24.24 -21.68
C VAL A 348 3.59 22.74 -21.64
N ILE A 349 4.84 22.32 -21.86
CA ILE A 349 5.15 20.89 -21.83
C ILE A 349 4.71 20.30 -20.50
N LEU A 350 5.04 20.99 -19.40
CA LEU A 350 4.63 20.50 -18.09
C LEU A 350 3.12 20.36 -18.04
N LEU A 351 2.39 21.37 -18.52
CA LEU A 351 0.94 21.28 -18.55
C LEU A 351 0.49 20.05 -19.33
N LEU A 352 1.16 19.79 -20.46
CA LEU A 352 0.83 18.59 -21.23
C LEU A 352 1.02 17.35 -20.37
N GLU A 353 2.14 17.27 -19.64
CA GLU A 353 2.36 16.14 -18.75
C GLU A 353 1.24 16.00 -17.74
N CYS A 354 0.65 17.12 -17.32
CA CYS A 354 -0.47 17.06 -16.40
C CYS A 354 -1.76 16.63 -17.09
N LEU A 355 -1.94 17.02 -18.36
CA LEU A 355 -3.16 16.67 -19.06
C LEU A 355 -3.15 15.22 -19.52
N ASP A 356 -1.98 14.65 -19.76
CA ASP A 356 -1.87 13.27 -20.22
C ASP A 356 -2.04 12.34 -19.02
N SER A 357 -3.12 11.57 -19.02
CA SER A 357 -3.43 10.68 -17.91
C SER A 357 -2.63 9.38 -17.96
N THR A 358 -2.04 9.05 -19.11
CA THR A 358 -1.22 7.85 -19.20
C THR A 358 0.20 8.07 -18.68
N ARG A 359 0.62 9.32 -18.53
CA ARG A 359 1.92 9.65 -17.94
C ARG A 359 3.05 8.86 -18.61
N VAL A 360 3.04 8.85 -19.95
CA VAL A 360 4.11 8.19 -20.68
C VAL A 360 5.43 8.91 -20.44
N SER A 361 5.37 10.23 -20.17
CA SER A 361 6.60 10.96 -19.86
C SER A 361 7.31 10.35 -18.66
N GLN A 362 6.58 9.71 -17.74
CA GLN A 362 7.24 9.05 -16.62
C GLN A 362 8.10 7.88 -17.09
N ALA A 363 7.58 7.07 -18.02
CA ALA A 363 8.37 5.97 -18.57
C ALA A 363 9.58 6.50 -19.33
N VAL A 364 9.38 7.57 -20.11
CA VAL A 364 10.51 8.15 -20.84
C VAL A 364 11.56 8.66 -19.86
N ALA A 365 11.13 9.29 -18.77
CA ALA A 365 12.07 9.80 -17.77
C ALA A 365 12.81 8.67 -17.09
N GLN A 366 12.12 7.58 -16.77
CA GLN A 366 12.81 6.45 -16.15
C GLN A 366 13.86 5.86 -17.08
N HIS A 367 13.52 5.70 -18.36
CA HIS A 367 14.49 5.17 -19.31
C HIS A 367 15.65 6.13 -19.50
N PHE A 368 15.39 7.44 -19.51
CA PHE A 368 16.47 8.40 -19.64
C PHE A 368 17.37 8.39 -18.42
N ASN A 369 16.79 8.20 -17.23
CA ASN A 369 17.60 8.06 -16.03
C ASN A 369 18.50 6.84 -16.12
N ARG A 370 17.96 5.72 -16.61
CA ARG A 370 18.81 4.56 -16.85
C ARG A 370 19.91 4.88 -17.86
N HIS A 371 19.56 5.63 -18.90
CA HIS A 371 20.53 5.98 -19.93
C HIS A 371 21.69 6.81 -19.37
N ARG A 372 21.37 7.78 -18.53
CA ARG A 372 22.40 8.70 -18.03
C ARG A 372 23.37 8.02 -17.07
N LEU A 373 22.96 6.93 -16.43
CA LEU A 373 23.81 6.23 -15.47
C LEU A 373 24.50 5.01 -16.07
N ALA A 374 24.30 4.74 -17.36
CA ALA A 374 24.71 3.49 -17.97
C ALA A 374 26.05 3.64 -18.66
N LEU A 375 26.95 2.69 -18.42
CA LEU A 375 28.20 2.58 -19.18
C LEU A 375 28.02 1.71 -20.42
N SER A 376 27.32 0.58 -20.28
CA SER A 376 27.04 -0.30 -21.39
C SER A 376 25.60 -0.81 -21.27
N VAL A 377 24.99 -1.05 -22.42
CA VAL A 377 23.62 -1.54 -22.49
C VAL A 377 23.55 -2.66 -23.52
N CYS A 378 22.49 -3.46 -23.42
CA CYS A 378 22.29 -4.54 -24.38
C CYS A 378 22.05 -3.97 -25.78
N LYS A 379 22.68 -4.59 -26.77
CA LYS A 379 22.61 -4.08 -28.13
C LYS A 379 21.20 -4.24 -28.70
N ASP A 380 20.74 -3.21 -29.41
CA ASP A 380 19.49 -3.22 -30.16
C ASP A 380 18.26 -3.44 -29.27
N GLU A 381 18.42 -3.40 -27.95
CA GLU A 381 17.32 -3.60 -27.02
C GLU A 381 17.09 -2.39 -26.13
N PHE A 382 18.15 -1.82 -25.55
CA PHE A 382 18.00 -0.62 -24.76
C PHE A 382 17.46 0.53 -25.62
N ARG A 383 17.93 0.63 -26.87
CA ARG A 383 17.40 1.64 -27.77
C ARG A 383 15.91 1.48 -27.98
N LYS A 384 15.41 0.25 -27.92
CA LYS A 384 13.96 0.00 -28.04
C LYS A 384 13.28 0.14 -26.69
N GLY A 385 13.56 1.25 -26.01
CA GLY A 385 12.91 1.58 -24.76
C GLY A 385 12.25 2.92 -24.86
N TYR A 386 12.68 3.72 -25.83
CA TYR A 386 12.03 4.98 -26.19
C TYR A 386 10.91 4.80 -27.19
N GLN A 387 10.72 3.59 -27.72
CA GLN A 387 9.66 3.31 -28.68
C GLN A 387 8.39 2.88 -27.95
N LEU A 388 7.75 3.86 -27.33
CA LEU A 388 6.56 3.64 -26.51
C LEU A 388 5.27 3.97 -27.23
N ALA A 389 5.33 4.21 -28.54
CA ALA A 389 4.11 4.57 -29.27
C ALA A 389 3.07 3.46 -29.21
N SER A 390 3.51 2.20 -29.11
CA SER A 390 2.58 1.09 -29.02
C SER A 390 1.91 0.97 -27.66
N GLU A 391 2.52 1.53 -26.61
CA GLU A 391 1.97 1.42 -25.26
C GLU A 391 0.91 2.46 -24.97
N ILE A 392 0.72 3.45 -25.84
CA ILE A 392 -0.24 4.53 -25.63
C ILE A 392 -1.06 4.72 -26.89
N ARG A 393 -2.18 5.42 -26.73
CA ARG A 393 -3.10 5.67 -27.83
C ARG A 393 -3.86 6.96 -27.56
N GLY A 394 -3.79 7.90 -28.50
CA GLY A 394 -4.48 9.17 -28.36
C GLY A 394 -3.59 10.34 -28.71
N THR A 395 -4.20 11.50 -28.96
CA THR A 395 -3.43 12.68 -29.35
C THR A 395 -2.62 13.21 -28.16
N ILE A 396 -3.26 13.33 -27.00
CA ILE A 396 -2.56 13.88 -25.84
C ILE A 396 -1.39 13.00 -25.41
N PRO A 397 -1.56 11.70 -25.15
CA PRO A 397 -0.39 10.88 -24.79
C PRO A 397 0.67 10.83 -25.88
N LEU A 398 0.26 10.81 -27.15
CA LEU A 398 1.23 10.80 -28.23
C LEU A 398 2.07 12.06 -28.23
N SER A 399 1.43 13.22 -28.06
CA SER A 399 2.17 14.48 -28.00
C SER A 399 3.07 14.50 -26.78
N SER A 400 2.60 13.98 -25.64
CA SER A 400 3.43 13.93 -24.45
C SER A 400 4.68 13.10 -24.69
N LEU A 401 4.52 11.93 -25.32
CA LEU A 401 5.68 11.10 -25.63
C LEU A 401 6.62 11.81 -26.59
N TYR A 402 6.07 12.43 -27.63
CA TYR A 402 6.91 13.11 -28.61
C TYR A 402 7.73 14.22 -27.96
N TYR A 403 7.10 15.01 -27.09
CA TYR A 403 7.81 16.12 -26.47
C TYR A 403 8.75 15.65 -25.36
N SER A 404 8.47 14.51 -24.72
CA SER A 404 9.45 13.92 -23.83
C SER A 404 10.70 13.51 -24.60
N LEU A 405 10.52 12.88 -25.75
CA LEU A 405 11.68 12.53 -26.58
C LEU A 405 12.40 13.78 -27.07
N CYS A 406 11.64 14.83 -27.41
CA CYS A 406 12.26 16.09 -27.83
C CYS A 406 13.08 16.69 -26.68
N ALA A 407 12.56 16.62 -25.46
CA ALA A 407 13.31 17.11 -24.31
C ALA A 407 14.59 16.32 -24.10
N VAL A 408 14.53 14.99 -24.27
CA VAL A 408 15.74 14.18 -24.16
C VAL A 408 16.75 14.59 -25.21
N ARG A 409 16.29 14.78 -26.45
CA ARG A 409 17.20 15.18 -27.53
C ARG A 409 17.80 16.56 -27.23
N LEU A 410 17.00 17.49 -26.72
CA LEU A 410 17.50 18.81 -26.40
C LEU A 410 18.53 18.76 -25.28
N ARG A 411 18.29 17.91 -24.28
CA ARG A 411 19.28 17.75 -23.21
C ARG A 411 20.59 17.21 -23.77
N MET A 412 20.51 16.22 -24.66
CA MET A 412 21.73 15.68 -25.26
C MET A 412 22.44 16.72 -26.12
N THR A 413 21.68 17.58 -26.81
CA THR A 413 22.28 18.58 -27.69
C THR A 413 22.92 19.73 -26.93
N VAL A 414 22.24 20.22 -25.89
CA VAL A 414 22.66 21.47 -25.23
C VAL A 414 23.58 21.20 -24.05
N HIS A 415 23.32 20.13 -23.29
CA HIS A 415 24.13 19.78 -22.13
C HIS A 415 24.54 18.31 -22.24
N PRO A 416 25.50 18.01 -23.12
CA PRO A 416 25.95 16.61 -23.25
C PRO A 416 26.49 16.08 -21.92
N PHE A 417 26.21 14.81 -21.67
CA PHE A 417 26.66 14.15 -20.44
C PHE A 417 27.58 12.99 -20.75
N MET B 1 11.39 18.76 -18.25
CA MET B 1 12.07 19.39 -17.09
C MET B 1 12.88 18.36 -16.32
N TRP B 2 12.34 17.15 -16.23
CA TRP B 2 13.11 16.04 -15.66
C TRP B 2 14.34 15.73 -16.49
N ALA B 3 14.34 16.08 -17.78
CA ALA B 3 15.48 15.82 -18.63
C ALA B 3 16.63 16.78 -18.40
N PHE B 4 16.36 17.95 -17.81
CA PHE B 4 17.39 18.97 -17.60
C PHE B 4 17.82 19.07 -16.15
N GLN B 5 17.59 18.02 -15.36
CA GLN B 5 18.07 17.98 -13.99
C GLN B 5 19.55 17.66 -13.96
N GLU B 6 20.31 18.38 -13.12
CA GLU B 6 21.73 18.12 -13.00
C GLU B 6 21.99 16.73 -12.43
N GLY B 7 21.20 16.34 -11.43
CA GLY B 7 21.34 15.04 -10.80
C GLY B 7 20.41 14.01 -11.40
N VAL B 8 20.16 12.95 -10.63
CA VAL B 8 19.32 11.84 -11.07
C VAL B 8 17.88 12.15 -10.68
N CYS B 9 16.96 12.00 -11.64
CA CYS B 9 15.55 12.24 -11.42
C CYS B 9 14.73 11.22 -12.21
N LYS B 10 13.80 10.56 -11.54
CA LYS B 10 12.93 9.58 -12.16
C LYS B 10 11.61 10.18 -12.66
N GLY B 11 11.40 11.47 -12.48
CA GLY B 11 10.16 12.10 -12.91
C GLY B 11 8.93 11.61 -12.16
N ASN B 12 9.02 11.51 -10.85
CA ASN B 12 7.92 11.04 -10.01
C ASN B 12 7.07 12.16 -9.45
N LEU B 13 7.29 13.41 -9.90
CA LEU B 13 6.59 14.54 -9.31
C LEU B 13 5.09 14.51 -9.57
N LEU B 14 4.65 13.83 -10.62
CA LEU B 14 3.23 13.69 -10.92
C LEU B 14 2.74 12.31 -10.52
N SER B 15 1.43 12.19 -10.37
CA SER B 15 0.82 10.93 -9.98
C SER B 15 0.99 9.89 -11.08
N GLY B 16 0.74 8.63 -10.74
CA GLY B 16 0.84 7.55 -11.68
C GLY B 16 -0.32 7.54 -12.65
N PRO B 17 -0.22 6.74 -13.70
CA PRO B 17 -1.30 6.68 -14.70
C PRO B 17 -2.55 6.04 -14.14
N THR B 18 -3.69 6.43 -14.73
CA THR B 18 -4.98 5.85 -14.40
C THR B 18 -5.69 5.46 -15.68
N SER B 19 -6.50 4.40 -15.60
CA SER B 19 -7.22 3.92 -16.76
C SER B 19 -8.45 3.15 -16.30
N MET B 20 -9.52 3.26 -17.08
CA MET B 20 -10.75 2.51 -16.85
C MET B 20 -10.87 1.31 -17.78
N LYS B 21 -9.81 0.99 -18.52
CA LYS B 21 -9.86 -0.15 -19.43
C LYS B 21 -10.06 -1.45 -18.68
N ALA B 22 -10.78 -2.37 -19.30
CA ALA B 22 -10.98 -3.68 -18.71
C ALA B 22 -9.67 -4.46 -18.72
N PRO B 23 -9.47 -5.38 -17.77
CA PRO B 23 -8.21 -6.12 -17.69
C PRO B 23 -8.15 -7.35 -18.59
N ASP B 24 -9.13 -7.56 -19.46
CA ASP B 24 -9.17 -8.78 -20.26
C ASP B 24 -7.98 -8.86 -21.20
N SER B 25 -7.63 -7.77 -21.86
CA SER B 25 -6.54 -7.80 -22.83
C SER B 25 -5.22 -8.10 -22.14
N ALA B 26 -4.94 -7.42 -21.03
CA ALA B 26 -3.69 -7.64 -20.32
C ALA B 26 -3.60 -9.06 -19.79
N ALA B 27 -4.70 -9.58 -19.23
CA ALA B 27 -4.69 -10.95 -18.73
C ALA B 27 -4.46 -11.95 -19.86
N ARG B 28 -5.09 -11.72 -21.01
CA ARG B 28 -4.88 -12.60 -22.15
C ARG B 28 -3.44 -12.57 -22.60
N GLU B 29 -2.83 -11.38 -22.66
CA GLU B 29 -1.43 -11.28 -23.05
C GLU B 29 -0.53 -12.00 -22.05
N SER B 30 -0.80 -11.84 -20.76
CA SER B 30 0.01 -12.50 -19.74
C SER B 30 -0.09 -14.01 -19.87
N ILE B 31 -1.30 -14.53 -20.08
CA ILE B 31 -1.49 -15.98 -20.22
C ILE B 31 -0.79 -16.48 -21.48
N ASP B 32 -0.87 -15.72 -22.58
CA ASP B 32 -0.20 -16.13 -23.80
C ASP B 32 1.31 -16.17 -23.61
N ARG B 33 1.87 -15.16 -22.93
CA ARG B 33 3.30 -15.17 -22.65
C ARG B 33 3.68 -16.36 -21.78
N ALA B 34 2.86 -16.65 -20.77
CA ALA B 34 3.14 -17.80 -19.91
C ALA B 34 3.13 -19.09 -20.70
N SER B 35 2.16 -19.26 -21.60
CA SER B 35 2.12 -20.47 -22.42
C SER B 35 3.32 -20.54 -23.36
N GLU B 36 3.71 -19.42 -23.96
CA GLU B 36 4.87 -19.42 -24.85
C GLU B 36 6.14 -19.80 -24.10
N ILE B 37 6.30 -19.29 -22.87
CA ILE B 37 7.43 -19.71 -22.05
C ILE B 37 7.33 -21.18 -21.69
N MET B 38 6.10 -21.66 -21.48
CA MET B 38 5.90 -23.06 -21.14
C MET B 38 6.39 -23.97 -22.26
N THR B 39 6.09 -23.61 -23.51
CA THR B 39 6.59 -24.41 -24.63
C THR B 39 8.09 -24.23 -24.84
N GLY B 40 8.74 -23.35 -24.08
CA GLY B 40 10.19 -23.23 -24.10
C GLY B 40 10.76 -22.70 -25.40
N LYS B 41 10.15 -21.64 -25.94
CA LYS B 41 10.62 -21.03 -27.17
C LYS B 41 11.10 -19.59 -27.01
N SER B 42 10.74 -18.91 -25.93
CA SER B 42 11.12 -17.51 -25.74
C SER B 42 12.06 -17.34 -24.54
N TYR B 43 11.65 -17.79 -23.36
CA TYR B 43 12.46 -17.66 -22.15
C TYR B 43 12.58 -19.02 -21.49
N ASN B 44 13.25 -19.05 -20.35
CA ASN B 44 13.52 -20.28 -19.61
C ASN B 44 12.68 -20.31 -18.34
N ALA B 45 12.00 -21.44 -18.11
CA ALA B 45 11.21 -21.64 -16.90
C ALA B 45 11.58 -22.93 -16.18
N VAL B 46 12.70 -23.55 -16.52
CA VAL B 46 13.15 -24.79 -15.90
C VAL B 46 14.30 -24.44 -14.98
N HIS B 47 14.09 -24.58 -13.68
CA HIS B 47 15.12 -24.29 -12.70
C HIS B 47 16.16 -25.40 -12.68
N THR B 48 17.43 -25.02 -12.77
CA THR B 48 18.53 -25.98 -12.81
C THR B 48 19.52 -25.82 -11.66
N GLY B 49 19.56 -24.67 -11.00
CA GLY B 49 20.49 -24.48 -9.91
C GLY B 49 20.19 -25.39 -8.73
N ASP B 50 21.20 -25.55 -7.88
CA ASP B 50 21.12 -26.43 -6.72
C ASP B 50 20.77 -25.60 -5.49
N LEU B 51 19.61 -25.88 -4.90
CA LEU B 51 19.17 -25.19 -3.69
C LEU B 51 19.53 -25.98 -2.45
N SER B 52 20.83 -26.26 -2.30
CA SER B 52 21.30 -27.03 -1.16
C SER B 52 21.60 -26.18 0.06
N LYS B 53 22.09 -24.95 -0.13
CA LYS B 53 22.44 -24.08 0.98
C LYS B 53 21.25 -23.29 1.48
N LEU B 54 20.15 -23.98 1.77
CA LEU B 54 18.95 -23.37 2.33
C LEU B 54 18.56 -24.15 3.57
N PRO B 55 18.43 -23.52 4.73
CA PRO B 55 18.07 -24.29 5.94
C PRO B 55 16.71 -24.94 5.79
N ASN B 56 16.58 -26.14 6.37
CA ASN B 56 15.32 -26.88 6.34
C ASN B 56 14.57 -26.59 7.64
N GLN B 57 13.60 -25.68 7.57
CA GLN B 57 12.79 -25.34 8.73
C GLN B 57 11.53 -26.20 8.79
N GLY B 58 11.70 -27.52 8.73
CA GLY B 58 10.56 -28.42 8.77
C GLY B 58 9.94 -28.52 10.14
N GLU B 59 10.74 -28.37 11.20
CA GLU B 59 10.26 -28.50 12.56
C GLU B 59 9.73 -27.20 13.13
N SER B 60 9.76 -26.12 12.36
CA SER B 60 9.23 -24.85 12.85
C SER B 60 7.71 -24.95 13.01
N PRO B 61 7.14 -24.42 14.09
CA PRO B 61 5.69 -24.42 14.23
C PRO B 61 5.03 -23.64 13.11
N LEU B 62 3.86 -24.11 12.68
CA LEU B 62 3.11 -23.43 11.63
C LEU B 62 2.54 -22.13 12.18
N ARG B 63 2.96 -21.01 11.60
CA ARG B 63 2.59 -19.69 12.06
C ARG B 63 1.67 -19.03 11.05
N ILE B 64 0.51 -18.56 11.51
CA ILE B 64 -0.47 -17.90 10.67
C ILE B 64 -0.76 -16.53 11.27
N VAL B 65 -0.65 -15.49 10.46
CA VAL B 65 -1.00 -14.13 10.86
C VAL B 65 -2.37 -13.81 10.27
N ASP B 66 -3.33 -13.49 11.13
CA ASP B 66 -4.69 -13.22 10.70
C ASP B 66 -4.87 -11.83 10.12
N SER B 67 -3.89 -10.94 10.31
CA SER B 67 -4.05 -9.57 9.83
C SER B 67 -4.18 -9.53 8.31
N ASP B 68 -3.39 -10.33 7.60
CA ASP B 68 -3.40 -10.31 6.14
C ASP B 68 -4.46 -11.22 5.53
N LEU B 69 -5.14 -12.03 6.34
CA LEU B 69 -6.21 -12.88 5.83
C LEU B 69 -7.51 -12.13 5.63
N TYR B 70 -7.66 -10.94 6.20
CA TYR B 70 -8.85 -10.12 6.03
C TYR B 70 -8.44 -8.76 5.52
N SER B 71 -9.11 -8.29 4.48
CA SER B 71 -8.84 -6.97 3.91
C SER B 71 -9.99 -6.61 2.98
N GLU B 72 -10.02 -5.34 2.59
CA GLU B 72 -11.02 -4.85 1.66
C GLU B 72 -10.65 -5.09 0.21
N ARG B 73 -9.47 -5.63 -0.06
CA ARG B 73 -9.06 -5.93 -1.43
C ARG B 73 -9.93 -7.05 -2.00
N SER B 74 -10.02 -7.07 -3.33
CA SER B 74 -10.90 -8.01 -4.01
C SER B 74 -10.34 -9.43 -3.92
N CYS B 75 -11.24 -10.39 -4.09
CA CYS B 75 -10.88 -11.80 -4.06
C CYS B 75 -11.97 -12.58 -4.79
N CYS B 76 -11.64 -13.79 -5.19
CA CYS B 76 -12.53 -14.65 -5.98
C CYS B 76 -13.16 -15.70 -5.08
N TRP B 77 -14.48 -15.77 -5.08
CA TRP B 77 -15.23 -16.78 -4.34
C TRP B 77 -15.95 -17.67 -5.34
N VAL B 78 -15.86 -18.98 -5.15
CA VAL B 78 -16.34 -19.96 -6.12
C VAL B 78 -17.56 -20.66 -5.54
N ILE B 79 -18.59 -20.81 -6.36
CA ILE B 79 -19.81 -21.53 -5.99
C ILE B 79 -20.08 -22.58 -7.06
N GLU B 80 -20.74 -23.66 -6.65
CA GLU B 80 -21.13 -24.74 -7.54
C GLU B 80 -22.66 -24.85 -7.49
N LYS B 81 -23.34 -24.06 -8.31
CA LYS B 81 -24.79 -24.03 -8.29
C LYS B 81 -25.39 -25.38 -8.67
N GLU B 82 -25.16 -25.81 -9.90
CA GLU B 82 -25.75 -27.03 -10.45
C GLU B 82 -24.71 -27.81 -11.24
N GLY B 83 -23.50 -27.94 -10.67
CA GLY B 83 -22.40 -28.59 -11.33
C GLY B 83 -21.50 -27.65 -12.11
N ARG B 84 -21.90 -26.40 -12.29
CA ARG B 84 -21.09 -25.40 -12.97
C ARG B 84 -20.44 -24.49 -11.93
N VAL B 85 -19.23 -24.04 -12.25
CA VAL B 85 -18.47 -23.18 -11.35
C VAL B 85 -18.80 -21.73 -11.67
N VAL B 86 -19.16 -20.96 -10.64
CA VAL B 86 -19.43 -19.53 -10.77
C VAL B 86 -18.44 -18.80 -9.89
N CYS B 87 -17.71 -17.87 -10.49
CA CYS B 87 -16.70 -17.07 -9.79
C CYS B 87 -17.25 -15.66 -9.58
N LYS B 88 -17.21 -15.19 -8.33
CA LYS B 88 -17.71 -13.88 -7.98
C LYS B 88 -16.62 -13.10 -7.26
N SER B 89 -16.63 -11.78 -7.48
CA SER B 89 -15.67 -10.89 -6.85
C SER B 89 -16.27 -10.36 -5.54
N THR B 90 -15.50 -10.49 -4.46
CA THR B 90 -15.96 -10.03 -3.16
C THR B 90 -14.75 -9.64 -2.33
N THR B 91 -14.99 -8.85 -1.29
CA THR B 91 -13.89 -8.43 -0.43
C THR B 91 -13.24 -9.65 0.20
N LEU B 92 -11.92 -9.59 0.38
CA LEU B 92 -11.20 -10.72 0.96
C LEU B 92 -11.76 -11.09 2.32
N THR B 93 -12.21 -10.10 3.10
CA THR B 93 -12.83 -10.40 4.39
C THR B 93 -14.07 -11.27 4.21
N ARG B 94 -14.94 -10.87 3.28
CA ARG B 94 -16.16 -11.65 3.04
C ARG B 94 -15.84 -13.03 2.51
N GLY B 95 -14.86 -13.13 1.60
CA GLY B 95 -14.48 -14.43 1.08
C GLY B 95 -13.94 -15.36 2.16
N MET B 96 -13.08 -14.83 3.03
CA MET B 96 -12.54 -15.64 4.11
C MET B 96 -13.63 -16.05 5.09
N THR B 97 -14.55 -15.14 5.40
CA THR B 97 -15.66 -15.48 6.29
C THR B 97 -16.53 -16.58 5.67
N SER B 98 -16.79 -16.48 4.37
CA SER B 98 -17.57 -17.52 3.70
C SER B 98 -16.84 -18.85 3.72
N LEU B 99 -15.53 -18.83 3.51
CA LEU B 99 -14.74 -20.06 3.58
C LEU B 99 -14.84 -20.69 4.96
N LEU B 100 -14.72 -19.87 6.01
CA LEU B 100 -14.83 -20.40 7.36
C LEU B 100 -16.22 -20.94 7.65
N ASN B 101 -17.25 -20.26 7.15
CA ASN B 101 -18.62 -20.74 7.34
C ASN B 101 -18.84 -22.07 6.65
N THR B 102 -18.33 -22.22 5.42
CA THR B 102 -18.55 -23.45 4.68
C THR B 102 -17.95 -24.66 5.40
N THR B 103 -16.73 -24.52 5.90
CA THR B 103 -16.08 -25.52 6.74
C THR B 103 -16.06 -24.97 8.15
N LYS B 104 -17.00 -25.43 8.98
CA LYS B 104 -17.19 -24.84 10.30
C LYS B 104 -15.88 -24.83 11.07
N CYS B 105 -15.35 -23.63 11.32
CA CYS B 105 -14.06 -23.48 11.97
C CYS B 105 -14.02 -22.11 12.65
N SER B 106 -13.54 -22.09 13.90
CA SER B 106 -13.52 -20.85 14.65
C SER B 106 -12.57 -19.83 14.01
N SER B 107 -11.41 -20.28 13.54
CA SER B 107 -10.40 -19.38 13.03
C SER B 107 -9.61 -20.11 11.95
N PRO B 108 -8.81 -19.40 11.17
CA PRO B 108 -8.04 -20.06 10.11
C PRO B 108 -7.10 -21.15 10.62
N SER B 109 -6.61 -21.04 11.85
CA SER B 109 -5.74 -22.08 12.39
C SER B 109 -6.48 -23.41 12.48
N GLU B 110 -7.73 -23.39 12.92
CA GLU B 110 -8.52 -24.61 12.98
C GLU B 110 -8.70 -25.20 11.58
N LEU B 111 -8.96 -24.34 10.59
CA LEU B 111 -9.11 -24.83 9.22
C LEU B 111 -7.82 -25.48 8.73
N ILE B 112 -6.67 -24.86 9.01
CA ILE B 112 -5.41 -25.41 8.58
C ILE B 112 -5.18 -26.78 9.22
N CYS B 113 -5.42 -26.86 10.54
CA CYS B 113 -5.22 -28.13 11.23
C CYS B 113 -6.14 -29.21 10.68
N LYS B 114 -7.41 -28.86 10.44
CA LYS B 114 -8.34 -29.85 9.91
C LYS B 114 -7.92 -30.30 8.51
N VAL B 115 -7.48 -29.37 7.67
CA VAL B 115 -7.05 -29.73 6.32
C VAL B 115 -5.85 -30.66 6.37
N LEU B 116 -4.89 -30.37 7.26
CA LEU B 116 -3.68 -31.18 7.34
C LEU B 116 -3.89 -32.50 8.08
N THR B 117 -4.98 -32.64 8.83
CA THR B 117 -5.17 -33.81 9.67
C THR B 117 -6.04 -34.90 9.05
N VAL B 118 -6.78 -34.60 7.99
CA VAL B 118 -7.65 -35.63 7.41
C VAL B 118 -6.80 -36.80 6.90
N GLU B 119 -7.46 -37.94 6.73
CA GLU B 119 -6.83 -39.15 6.20
C GLU B 119 -7.36 -39.52 4.82
N SER B 120 -8.04 -38.61 4.15
CA SER B 120 -8.49 -38.83 2.78
C SER B 120 -8.86 -37.49 2.17
N LEU B 121 -8.75 -37.40 0.85
CA LEU B 121 -9.11 -36.17 0.15
C LEU B 121 -10.63 -35.99 0.07
N SER B 122 -11.40 -37.06 0.24
CA SER B 122 -12.85 -36.98 0.15
C SER B 122 -13.54 -36.79 1.49
N GLU B 123 -12.80 -36.84 2.60
CA GLU B 123 -13.42 -36.66 3.90
C GLU B 123 -13.97 -35.25 4.05
N LYS B 124 -15.07 -35.15 4.80
CA LYS B 124 -15.76 -33.87 4.95
C LYS B 124 -15.14 -33.05 6.07
N ILE B 125 -15.03 -31.75 5.83
CA ILE B 125 -14.56 -30.79 6.84
C ILE B 125 -15.68 -29.80 7.09
N GLY B 126 -16.92 -30.27 6.98
CA GLY B 126 -18.08 -29.41 7.02
C GLY B 126 -18.90 -29.60 5.77
N ASP B 127 -19.27 -28.52 5.10
CA ASP B 127 -19.92 -28.60 3.80
C ASP B 127 -18.89 -28.53 2.68
N THR B 128 -17.83 -29.34 2.79
CA THR B 128 -16.77 -29.36 1.80
C THR B 128 -15.74 -30.43 2.13
N SER B 129 -14.72 -30.56 1.30
CA SER B 129 -13.64 -31.52 1.52
C SER B 129 -12.36 -30.94 0.93
N VAL B 130 -11.24 -31.58 1.26
CA VAL B 130 -9.95 -31.11 0.76
C VAL B 130 -9.94 -31.13 -0.76
N GLU B 131 -10.52 -32.17 -1.37
CA GLU B 131 -10.58 -32.24 -2.82
C GLU B 131 -11.35 -31.05 -3.39
N GLU B 132 -12.51 -30.75 -2.80
CA GLU B 132 -13.29 -29.61 -3.26
C GLU B 132 -12.54 -28.30 -3.03
N LEU B 133 -11.85 -28.17 -1.90
CA LEU B 133 -11.08 -26.96 -1.66
C LEU B 133 -9.99 -26.77 -2.69
N LEU B 134 -9.27 -27.85 -3.03
CA LEU B 134 -8.24 -27.76 -4.06
C LEU B 134 -8.85 -27.42 -5.41
N SER B 135 -9.99 -28.02 -5.74
CA SER B 135 -10.63 -27.73 -7.02
C SER B 135 -11.05 -26.27 -7.10
N HIS B 136 -11.58 -25.72 -6.02
CA HIS B 136 -12.06 -24.35 -6.02
C HIS B 136 -10.91 -23.33 -5.94
N GLY B 137 -9.80 -23.71 -5.32
CA GLY B 137 -8.71 -22.76 -5.14
C GLY B 137 -7.88 -22.48 -6.36
N ARG B 138 -8.11 -23.21 -7.46
CA ARG B 138 -7.39 -23.01 -8.70
C ARG B 138 -8.07 -22.00 -9.61
N TYR B 139 -9.14 -21.36 -9.16
CA TYR B 139 -9.87 -20.38 -9.95
C TYR B 139 -9.43 -18.98 -9.56
N PHE B 140 -9.08 -18.17 -10.55
CA PHE B 140 -8.63 -16.80 -10.34
C PHE B 140 -9.47 -15.87 -11.20
N LYS B 141 -9.52 -14.60 -10.78
CA LYS B 141 -10.18 -13.55 -11.52
C LYS B 141 -9.15 -12.49 -11.89
N CYS B 142 -9.42 -11.76 -12.97
CA CYS B 142 -8.49 -10.76 -13.48
C CYS B 142 -8.96 -9.36 -13.10
N ALA B 143 -8.02 -8.53 -12.65
CA ALA B 143 -8.30 -7.14 -12.32
C ALA B 143 -7.16 -6.28 -12.84
N LEU B 144 -7.43 -4.99 -12.99
CA LEU B 144 -6.44 -4.07 -13.50
C LEU B 144 -5.65 -3.44 -12.36
N ARG B 145 -4.39 -3.12 -12.64
CA ARG B 145 -3.49 -2.49 -11.68
C ARG B 145 -2.89 -1.27 -12.37
N ASP B 146 -3.15 -0.10 -11.80
CA ASP B 146 -2.77 1.19 -12.38
C ASP B 146 -2.11 2.06 -11.30
N GLN B 147 -1.91 3.33 -11.63
CA GLN B 147 -1.24 4.28 -10.74
C GLN B 147 0.18 3.81 -10.42
N GLU B 148 0.85 3.22 -11.42
CA GLU B 148 2.24 2.81 -11.31
C GLU B 148 3.05 3.68 -12.26
N ARG B 149 3.89 4.54 -11.69
CA ARG B 149 4.68 5.45 -12.51
C ARG B 149 5.57 4.67 -13.46
N GLY B 150 5.63 5.13 -14.71
CA GLY B 150 6.43 4.49 -15.72
C GLY B 150 5.78 3.32 -16.43
N LYS B 151 4.48 3.09 -16.21
CA LYS B 151 3.76 1.99 -16.83
C LYS B 151 2.50 2.55 -17.49
N PRO B 152 2.65 3.13 -18.69
CA PRO B 152 1.47 3.68 -19.37
C PRO B 152 0.37 2.65 -19.58
N LYS B 153 0.73 1.41 -19.88
CA LYS B 153 -0.23 0.33 -20.04
C LYS B 153 -0.39 -0.36 -18.69
N SER B 154 -1.55 -0.21 -18.08
CA SER B 154 -1.78 -0.78 -16.76
C SER B 154 -1.65 -2.30 -16.81
N ARG B 155 -1.15 -2.88 -15.73
CA ARG B 155 -0.88 -4.30 -15.71
C ARG B 155 -2.10 -5.07 -15.21
N ALA B 156 -2.00 -6.40 -15.22
CA ALA B 156 -3.07 -7.27 -14.80
C ALA B 156 -2.65 -7.98 -13.51
N ILE B 157 -3.43 -7.77 -12.45
CA ILE B 157 -3.28 -8.54 -11.23
C ILE B 157 -4.40 -9.57 -11.19
N PHE B 158 -4.25 -10.55 -10.30
CA PHE B 158 -5.20 -11.65 -10.24
C PHE B 158 -5.64 -11.88 -8.80
N LEU B 159 -6.94 -12.10 -8.64
CA LEU B 159 -7.57 -12.34 -7.35
C LEU B 159 -7.81 -13.83 -7.20
N SER B 160 -7.39 -14.38 -6.05
CA SER B 160 -7.38 -15.82 -5.82
C SER B 160 -8.44 -16.20 -4.79
N HIS B 161 -8.62 -17.52 -4.65
CA HIS B 161 -9.57 -18.05 -3.69
C HIS B 161 -9.04 -17.84 -2.26
N PRO B 162 -9.94 -17.70 -1.28
CA PRO B 162 -9.47 -17.53 0.11
C PRO B 162 -8.60 -18.67 0.60
N PHE B 163 -8.89 -19.91 0.21
CA PHE B 163 -8.05 -21.03 0.61
C PHE B 163 -6.64 -20.90 0.04
N PHE B 164 -6.55 -20.54 -1.24
CA PHE B 164 -5.25 -20.28 -1.85
C PHE B 164 -4.54 -19.13 -1.14
N ARG B 165 -5.28 -18.09 -0.79
CA ARG B 165 -4.69 -16.96 -0.08
C ARG B 165 -4.13 -17.40 1.27
N LEU B 166 -4.86 -18.25 2.00
CA LEU B 166 -4.39 -18.71 3.30
C LEU B 166 -3.09 -19.50 3.16
N LEU B 167 -3.08 -20.48 2.25
CA LEU B 167 -1.87 -21.28 2.08
C LEU B 167 -0.71 -20.41 1.61
N SER B 168 -0.98 -19.47 0.69
CA SER B 168 0.07 -18.60 0.20
C SER B 168 0.63 -17.73 1.32
N SER B 169 -0.25 -17.21 2.19
CA SER B 169 0.22 -16.39 3.30
C SER B 169 1.12 -17.19 4.23
N VAL B 170 0.72 -18.42 4.56
CA VAL B 170 1.55 -19.24 5.43
C VAL B 170 2.92 -19.47 4.79
N VAL B 171 2.93 -19.90 3.53
CA VAL B 171 4.17 -20.24 2.87
C VAL B 171 5.05 -19.01 2.71
N GLU B 172 4.43 -17.84 2.45
CA GLU B 172 5.21 -16.63 2.25
C GLU B 172 5.79 -16.13 3.57
N THR B 173 5.05 -16.27 4.67
CA THR B 173 5.61 -15.94 5.98
C THR B 173 6.85 -16.78 6.24
N HIS B 174 6.75 -18.08 6.00
CA HIS B 174 7.90 -18.95 6.26
C HIS B 174 9.06 -18.64 5.31
N ALA B 175 8.76 -18.36 4.05
CA ALA B 175 9.81 -18.02 3.10
C ALA B 175 10.51 -16.73 3.49
N ARG B 176 9.75 -15.74 3.95
CA ARG B 176 10.36 -14.50 4.42
C ARG B 176 11.24 -14.74 5.63
N SER B 177 10.80 -15.62 6.55
CA SER B 177 11.65 -15.97 7.68
C SER B 177 12.97 -16.57 7.21
N VAL B 178 12.89 -17.51 6.26
CA VAL B 178 14.12 -18.13 5.75
C VAL B 178 15.00 -17.10 5.06
N LEU B 179 14.39 -16.20 4.29
CA LEU B 179 15.16 -15.16 3.61
C LEU B 179 15.90 -14.28 4.61
N SER B 180 15.21 -13.86 5.67
CA SER B 180 15.87 -13.07 6.71
C SER B 180 17.00 -13.85 7.34
N LYS B 181 16.80 -15.15 7.55
CA LYS B 181 17.89 -15.97 8.10
C LYS B 181 19.08 -16.01 7.16
N VAL B 182 18.83 -16.00 5.85
CA VAL B 182 19.91 -16.13 4.87
C VAL B 182 20.87 -14.96 4.98
N SER B 183 20.36 -13.75 4.76
CA SER B 183 21.18 -12.55 4.78
C SER B 183 20.48 -11.46 5.58
N ALA B 184 21.27 -10.53 6.11
CA ALA B 184 20.75 -9.45 6.94
C ALA B 184 20.04 -8.37 6.13
N VAL B 185 20.23 -8.34 4.81
CA VAL B 185 19.57 -7.32 4.00
C VAL B 185 18.05 -7.52 3.94
N TYR B 186 17.57 -8.75 4.08
CA TYR B 186 16.15 -9.05 3.99
C TYR B 186 15.42 -8.88 5.31
N THR B 187 16.01 -8.19 6.29
CA THR B 187 15.32 -7.92 7.54
C THR B 187 14.03 -7.17 7.25
N ALA B 188 12.93 -7.59 7.90
CA ALA B 188 11.62 -7.02 7.62
C ALA B 188 11.64 -5.50 7.67
N THR B 189 12.24 -4.94 8.72
CA THR B 189 12.33 -3.48 8.88
C THR B 189 13.63 -3.01 8.22
N ALA B 190 13.60 -2.91 6.90
CA ALA B 190 14.75 -2.45 6.12
C ALA B 190 14.23 -1.51 5.04
N SER B 191 14.68 -0.25 5.08
CA SER B 191 14.28 0.72 4.07
C SER B 191 15.06 0.49 2.79
N ALA B 192 14.50 0.98 1.68
CA ALA B 192 15.19 0.88 0.40
C ALA B 192 16.58 1.48 0.47
N GLU B 193 16.72 2.57 1.23
CA GLU B 193 18.04 3.19 1.39
C GLU B 193 19.00 2.28 2.13
N GLN B 194 18.51 1.58 3.16
CA GLN B 194 19.36 0.62 3.87
C GLN B 194 19.78 -0.51 2.96
N ARG B 195 18.85 -1.02 2.14
CA ARG B 195 19.21 -2.08 1.20
C ARG B 195 20.24 -1.59 0.19
N ALA B 196 20.07 -0.36 -0.30
CA ALA B 196 21.04 0.20 -1.24
C ALA B 196 22.42 0.34 -0.61
N MET B 197 22.47 0.77 0.66
CA MET B 197 23.74 0.87 1.35
C MET B 197 24.39 -0.50 1.50
N MET B 198 23.60 -1.51 1.86
CA MET B 198 24.13 -2.86 1.98
C MET B 198 24.68 -3.35 0.64
N ALA B 199 23.95 -3.09 -0.45
CA ALA B 199 24.42 -3.50 -1.76
C ALA B 199 25.70 -2.78 -2.15
N ALA B 200 25.77 -1.48 -1.86
CA ALA B 200 26.99 -0.73 -2.16
C ALA B 200 28.18 -1.30 -1.40
N GLN B 201 27.98 -1.67 -0.13
CA GLN B 201 29.05 -2.34 0.60
C GLN B 201 29.43 -3.66 -0.04
N VAL B 202 28.42 -4.45 -0.47
CA VAL B 202 28.69 -5.78 -0.98
C VAL B 202 29.50 -5.73 -2.27
N VAL B 203 29.14 -4.82 -3.19
CA VAL B 203 29.69 -4.81 -4.52
C VAL B 203 30.86 -3.81 -4.63
N GLU B 204 31.43 -3.39 -3.51
CA GLU B 204 32.52 -2.43 -3.56
C GLU B 204 33.83 -3.06 -4.04
N SER B 205 33.94 -4.39 -3.97
CA SER B 205 35.22 -5.04 -4.24
C SER B 205 35.51 -5.22 -5.72
N ARG B 206 34.51 -5.08 -6.59
CA ARG B 206 34.68 -5.28 -8.02
C ARG B 206 34.52 -3.96 -8.76
N LYS B 207 34.86 -3.99 -10.05
CA LYS B 207 34.88 -2.77 -10.86
C LYS B 207 33.50 -2.40 -11.38
N HIS B 208 32.89 -3.30 -12.16
CA HIS B 208 31.63 -3.01 -12.83
C HIS B 208 30.45 -3.46 -11.98
N VAL B 209 29.33 -2.77 -12.15
CA VAL B 209 28.07 -3.14 -11.51
C VAL B 209 27.10 -3.55 -12.61
N LEU B 210 26.13 -4.38 -12.23
CA LEU B 210 25.17 -4.98 -13.16
C LEU B 210 23.75 -4.69 -12.71
N ASN B 211 23.43 -3.42 -12.48
CA ASN B 211 22.05 -3.04 -12.23
C ASN B 211 21.16 -3.70 -13.27
N GLY B 212 20.29 -4.61 -12.81
CA GLY B 212 19.52 -5.42 -13.73
C GLY B 212 18.12 -5.67 -13.20
N ASP B 213 17.25 -6.01 -14.14
CA ASP B 213 15.87 -6.41 -13.86
C ASP B 213 15.54 -7.66 -14.65
N CYS B 214 14.56 -8.41 -14.17
CA CYS B 214 14.12 -9.63 -14.83
C CYS B 214 12.83 -9.36 -15.60
N THR B 215 12.77 -9.89 -16.82
CA THR B 215 11.62 -9.72 -17.70
C THR B 215 10.73 -10.94 -17.62
N LYS B 216 9.42 -10.72 -17.70
CA LYS B 216 8.43 -11.80 -17.62
C LYS B 216 8.64 -12.61 -16.34
N TYR B 217 8.86 -11.91 -15.23
CA TYR B 217 9.21 -12.58 -13.98
C TYR B 217 8.10 -13.52 -13.53
N ASN B 218 6.86 -13.02 -13.49
CA ASN B 218 5.76 -13.85 -13.02
C ASN B 218 5.51 -15.03 -13.96
N GLU B 219 5.59 -14.79 -15.26
CA GLU B 219 5.28 -15.82 -16.25
C GLU B 219 6.38 -16.87 -16.38
N ALA B 220 7.54 -16.66 -15.76
CA ALA B 220 8.67 -17.58 -15.88
C ALA B 220 8.94 -18.38 -14.62
N ILE B 221 8.29 -18.08 -13.50
CA ILE B 221 8.49 -18.82 -12.25
C ILE B 221 7.44 -19.91 -12.23
N ASP B 222 7.83 -21.08 -12.70
CA ASP B 222 6.89 -22.21 -12.83
C ASP B 222 6.55 -22.79 -11.47
N ALA B 223 5.47 -23.58 -11.44
CA ALA B 223 5.09 -24.27 -10.22
C ALA B 223 6.17 -25.26 -9.78
N ASP B 224 6.92 -25.81 -10.73
CA ASP B 224 8.01 -26.71 -10.38
C ASP B 224 9.07 -26.00 -9.55
N THR B 225 9.43 -24.78 -9.93
CA THR B 225 10.42 -24.02 -9.17
C THR B 225 9.91 -23.72 -7.76
N LEU B 226 8.63 -23.33 -7.65
CA LEU B 226 8.06 -23.05 -6.34
C LEU B 226 8.09 -24.30 -5.47
N LEU B 227 7.70 -25.45 -6.02
CA LEU B 227 7.72 -26.68 -5.25
C LEU B 227 9.13 -27.07 -4.86
N LYS B 228 10.10 -26.86 -5.75
CA LYS B 228 11.49 -27.17 -5.42
C LYS B 228 11.96 -26.32 -4.25
N VAL B 229 11.69 -25.01 -4.29
CA VAL B 229 12.10 -24.14 -3.20
C VAL B 229 11.41 -24.54 -1.89
N TRP B 230 10.11 -24.81 -1.96
CA TRP B 230 9.37 -25.16 -0.76
C TRP B 230 9.87 -26.47 -0.15
N ASP B 231 10.19 -27.44 -1.00
CA ASP B 231 10.78 -28.68 -0.51
C ASP B 231 12.15 -28.43 0.10
N ALA B 232 12.93 -27.53 -0.51
CA ALA B 232 14.24 -27.19 0.04
C ALA B 232 14.11 -26.62 1.44
N ILE B 233 13.11 -25.75 1.67
CA ILE B 233 12.90 -25.17 2.99
C ILE B 233 11.95 -26.01 3.83
N GLY B 234 11.51 -27.16 3.34
CA GLY B 234 10.70 -28.07 4.14
C GLY B 234 9.30 -27.56 4.44
N MET B 235 8.46 -27.47 3.41
CA MET B 235 7.09 -27.00 3.57
C MET B 235 6.08 -28.12 3.74
N GLY B 236 6.45 -29.37 3.44
CA GLY B 236 5.52 -30.46 3.63
C GLY B 236 4.36 -30.40 2.65
N SER B 237 3.21 -30.90 3.12
CA SER B 237 2.04 -31.01 2.26
C SER B 237 1.46 -29.65 1.87
N ILE B 238 1.72 -28.61 2.66
CA ILE B 238 1.21 -27.28 2.30
C ILE B 238 1.79 -26.84 0.96
N GLY B 239 3.11 -27.01 0.80
CA GLY B 239 3.73 -26.65 -0.46
C GLY B 239 3.24 -27.50 -1.62
N VAL B 240 3.03 -28.79 -1.38
CA VAL B 240 2.54 -29.66 -2.44
C VAL B 240 1.14 -29.23 -2.89
N MET B 241 0.26 -28.94 -1.93
CA MET B 241 -1.08 -28.49 -2.27
C MET B 241 -1.03 -27.17 -3.02
N LEU B 242 -0.20 -26.23 -2.57
CA LEU B 242 -0.11 -24.94 -3.23
C LEU B 242 0.41 -25.09 -4.66
N ALA B 243 1.44 -25.92 -4.85
CA ALA B 243 1.97 -26.14 -6.18
C ALA B 243 0.95 -26.83 -7.09
N TYR B 244 0.20 -27.79 -6.54
CA TYR B 244 -0.84 -28.43 -7.32
C TYR B 244 -1.89 -27.43 -7.77
N MET B 245 -2.30 -26.53 -6.87
CA MET B 245 -3.28 -25.50 -7.24
C MET B 245 -2.71 -24.55 -8.29
N VAL B 246 -1.44 -24.19 -8.15
CA VAL B 246 -0.82 -23.27 -9.10
C VAL B 246 -0.74 -23.91 -10.48
N ARG B 247 -0.38 -25.20 -10.54
CA ARG B 247 -0.24 -25.88 -11.82
C ARG B 247 -1.58 -25.97 -12.56
N ARG B 248 -2.67 -26.13 -11.83
CA ARG B 248 -3.99 -26.30 -12.41
C ARG B 248 -4.81 -25.02 -12.41
N LYS B 249 -4.15 -23.86 -12.28
CA LYS B 249 -4.87 -22.61 -12.14
C LYS B 249 -5.69 -22.30 -13.40
N CYS B 250 -6.85 -21.70 -13.20
CA CYS B 250 -7.70 -21.21 -14.28
C CYS B 250 -8.07 -19.76 -13.98
N VAL B 251 -8.15 -18.94 -15.02
CA VAL B 251 -8.44 -17.52 -14.89
C VAL B 251 -9.75 -17.24 -15.63
N LEU B 252 -10.68 -16.58 -14.94
CA LEU B 252 -11.96 -16.22 -15.51
C LEU B 252 -11.83 -14.84 -16.15
N ILE B 253 -11.77 -14.80 -17.48
CA ILE B 253 -11.66 -13.56 -18.24
C ILE B 253 -12.99 -13.33 -18.94
N LYS B 254 -13.57 -12.15 -18.73
CA LYS B 254 -14.89 -11.85 -19.26
C LYS B 254 -15.89 -12.88 -18.74
N ASP B 255 -16.15 -13.92 -19.55
CA ASP B 255 -17.07 -14.98 -19.13
C ASP B 255 -16.54 -16.36 -19.52
N THR B 256 -15.24 -16.50 -19.75
CA THR B 256 -14.64 -17.76 -20.16
C THR B 256 -13.46 -18.09 -19.26
N LEU B 257 -13.30 -19.38 -18.96
CA LEU B 257 -12.18 -19.84 -18.15
C LEU B 257 -11.04 -20.25 -19.05
N VAL B 258 -9.85 -19.70 -18.79
CA VAL B 258 -8.66 -19.96 -19.57
C VAL B 258 -7.64 -20.64 -18.66
N GLU B 259 -7.06 -21.74 -19.14
CA GLU B 259 -6.07 -22.48 -18.37
C GLU B 259 -4.70 -21.81 -18.51
N CYS B 260 -4.01 -21.64 -17.40
CA CYS B 260 -2.68 -21.02 -17.37
C CYS B 260 -1.74 -21.89 -16.56
N PRO B 261 -1.39 -23.08 -17.09
CA PRO B 261 -0.50 -23.97 -16.34
C PRO B 261 0.90 -23.42 -16.13
N GLY B 262 1.31 -22.42 -16.90
CA GLY B 262 2.70 -21.95 -16.88
C GLY B 262 2.88 -20.75 -15.97
N GLY B 263 3.90 -20.84 -15.12
CA GLY B 263 4.32 -19.71 -14.31
C GLY B 263 3.31 -19.28 -13.27
N MET B 264 3.77 -18.55 -12.27
CA MET B 264 2.84 -17.93 -11.33
C MET B 264 2.13 -16.76 -12.00
N LEU B 265 1.02 -16.34 -11.39
CA LEU B 265 0.07 -15.45 -12.05
C LEU B 265 0.43 -13.98 -11.85
N MET B 266 0.53 -13.55 -10.61
CA MET B 266 1.01 -12.22 -10.25
C MET B 266 1.99 -12.36 -9.10
N GLY B 267 2.58 -11.24 -8.69
CA GLY B 267 3.51 -11.33 -7.58
C GLY B 267 2.78 -11.74 -6.32
N MET B 268 2.91 -13.01 -5.96
CA MET B 268 2.40 -13.55 -4.70
C MET B 268 3.48 -14.23 -3.90
N PHE B 269 4.25 -15.11 -4.53
CA PHE B 269 5.38 -15.78 -3.88
C PHE B 269 6.68 -15.05 -4.19
N ASN B 270 6.69 -13.76 -3.85
CA ASN B 270 7.90 -12.97 -4.06
C ASN B 270 9.06 -13.51 -3.24
N ALA B 271 8.79 -13.89 -1.98
CA ALA B 271 9.85 -14.44 -1.14
C ALA B 271 10.39 -15.73 -1.73
N THR B 272 9.51 -16.62 -2.19
CA THR B 272 9.97 -17.89 -2.76
C THR B 272 10.74 -17.67 -4.06
N ALA B 273 10.25 -16.79 -4.92
CA ALA B 273 10.95 -16.52 -6.17
C ALA B 273 12.33 -15.94 -5.91
N THR B 274 12.43 -15.02 -4.94
CA THR B 274 13.74 -14.51 -4.56
C THR B 274 14.61 -15.61 -4.01
N LEU B 275 14.05 -16.46 -3.15
CA LEU B 275 14.83 -17.51 -2.50
C LEU B 275 15.39 -18.49 -3.51
N ALA B 276 14.69 -18.72 -4.62
CA ALA B 276 15.23 -19.57 -5.67
C ALA B 276 16.65 -19.13 -6.05
N LEU B 277 16.77 -17.90 -6.55
CA LEU B 277 18.08 -17.39 -6.94
C LEU B 277 19.02 -17.29 -5.74
N GLN B 278 18.50 -16.83 -4.59
CA GLN B 278 19.38 -16.60 -3.45
C GLN B 278 20.03 -17.89 -2.98
N GLY B 279 19.27 -18.98 -2.92
CA GLY B 279 19.84 -20.27 -2.57
C GLY B 279 20.64 -20.89 -3.68
N THR B 280 20.41 -20.48 -4.93
CA THR B 280 21.27 -20.95 -6.01
C THR B 280 22.71 -20.48 -5.83
N THR B 281 22.90 -19.23 -5.44
CA THR B 281 24.24 -18.66 -5.34
C THR B 281 24.22 -17.44 -4.43
N ASP B 282 25.35 -17.22 -3.75
CA ASP B 282 25.54 -16.02 -2.92
C ASP B 282 26.27 -14.93 -3.68
N ARG B 283 25.81 -14.61 -4.89
CA ARG B 283 26.47 -13.63 -5.74
C ARG B 283 25.58 -12.45 -6.11
N PHE B 284 24.31 -12.46 -5.74
CA PHE B 284 23.37 -11.42 -6.13
C PHE B 284 22.67 -10.88 -4.89
N LEU B 285 22.20 -9.64 -4.99
CA LEU B 285 21.32 -9.03 -4.01
C LEU B 285 20.01 -8.75 -4.76
N SER B 286 19.08 -9.69 -4.70
CA SER B 286 17.87 -9.65 -5.49
C SER B 286 16.65 -9.47 -4.60
N PHE B 287 15.69 -8.68 -5.08
CA PHE B 287 14.38 -8.51 -4.45
C PHE B 287 13.36 -8.78 -5.54
N SER B 288 12.93 -10.04 -5.65
CA SER B 288 12.03 -10.47 -6.70
C SER B 288 12.69 -10.32 -8.07
N ASP B 289 12.31 -9.30 -8.83
CA ASP B 289 12.82 -9.10 -10.18
C ASP B 289 13.81 -7.95 -10.25
N ASP B 290 14.38 -7.54 -9.12
CA ASP B 290 15.36 -6.46 -9.06
C ASP B 290 16.60 -6.99 -8.35
N PHE B 291 17.68 -7.15 -9.11
CA PHE B 291 18.93 -7.70 -8.59
C PHE B 291 20.09 -6.79 -8.95
N ILE B 292 21.16 -6.90 -8.16
CA ILE B 292 22.40 -6.18 -8.41
C ILE B 292 23.57 -7.09 -8.13
N THR B 293 24.56 -7.05 -9.01
CA THR B 293 25.78 -7.84 -8.84
C THR B 293 26.91 -7.12 -9.56
N SER B 294 28.14 -7.49 -9.22
CA SER B 294 29.32 -6.86 -9.77
C SER B 294 30.30 -7.91 -10.26
N PHE B 295 31.12 -7.51 -11.24
CA PHE B 295 32.07 -8.41 -11.86
C PHE B 295 33.32 -7.63 -12.23
N ASN B 296 34.41 -8.37 -12.44
CA ASN B 296 35.70 -7.78 -12.79
C ASN B 296 36.13 -8.07 -14.22
N SER B 297 35.76 -9.20 -14.77
CA SER B 297 36.20 -9.63 -16.09
C SER B 297 35.00 -10.17 -16.86
N PRO B 298 35.11 -10.25 -18.19
CA PRO B 298 33.99 -10.82 -18.97
C PRO B 298 33.62 -12.24 -18.59
N ALA B 299 34.60 -13.04 -18.14
CA ALA B 299 34.28 -14.40 -17.69
C ALA B 299 33.34 -14.38 -16.50
N GLU B 300 33.57 -13.47 -15.55
CA GLU B 300 32.67 -13.34 -14.42
C GLU B 300 31.28 -12.91 -14.87
N LEU B 301 31.21 -12.04 -15.88
CA LEU B 301 29.92 -11.63 -16.41
C LEU B 301 29.19 -12.81 -17.04
N ARG B 302 29.91 -13.65 -17.77
CA ARG B 302 29.30 -14.84 -18.36
C ARG B 302 28.82 -15.80 -17.29
N GLU B 303 29.59 -15.95 -16.21
CA GLU B 303 29.17 -16.78 -15.09
C GLU B 303 27.90 -16.22 -14.45
N ILE B 304 27.82 -14.90 -14.30
CA ILE B 304 26.64 -14.27 -13.74
C ILE B 304 25.43 -14.54 -14.62
N GLU B 305 25.60 -14.40 -15.93
CA GLU B 305 24.50 -14.66 -16.85
C GLU B 305 24.06 -16.12 -16.79
N ASP B 306 25.02 -17.04 -16.67
CA ASP B 306 24.68 -18.45 -16.54
C ASP B 306 23.89 -18.71 -15.26
N LEU B 307 24.31 -18.10 -14.16
CA LEU B 307 23.56 -18.27 -12.90
C LEU B 307 22.14 -17.72 -13.03
N LEU B 308 22.00 -16.54 -13.65
CA LEU B 308 20.68 -15.96 -13.82
C LEU B 308 19.80 -16.87 -14.68
N PHE B 309 20.36 -17.42 -15.76
CA PHE B 309 19.59 -18.32 -16.61
C PHE B 309 19.18 -19.57 -15.86
N ALA B 310 20.11 -20.16 -15.09
CA ALA B 310 19.80 -21.37 -14.35
C ALA B 310 18.79 -21.14 -13.24
N SER B 311 18.69 -19.91 -12.73
CA SER B 311 17.75 -19.61 -11.66
C SER B 311 16.39 -19.14 -12.18
N CYS B 312 16.15 -19.20 -13.49
CA CYS B 312 14.90 -18.75 -14.08
C CYS B 312 14.65 -17.27 -13.80
N HIS B 313 15.71 -16.47 -13.92
CA HIS B 313 15.64 -15.04 -13.66
C HIS B 313 16.02 -14.27 -14.92
N ASN B 314 15.42 -14.66 -16.04
CA ASN B 314 15.75 -14.13 -17.36
C ASN B 314 16.04 -12.64 -17.32
N LEU B 315 17.24 -12.28 -17.78
CA LEU B 315 17.67 -10.89 -17.76
C LEU B 315 16.82 -10.05 -18.71
N SER B 316 16.46 -8.85 -18.26
CA SER B 316 15.69 -7.91 -19.07
C SER B 316 16.67 -7.06 -19.86
N LEU B 317 16.79 -7.34 -21.16
CA LEU B 317 17.73 -6.60 -21.99
C LEU B 317 17.30 -5.16 -22.24
N LYS B 318 16.03 -4.84 -21.99
CA LYS B 318 15.54 -3.49 -22.27
C LYS B 318 15.99 -2.50 -21.21
N LYS B 319 16.07 -2.93 -19.95
CA LYS B 319 16.33 -2.01 -18.83
C LYS B 319 17.44 -2.52 -17.92
N SER B 320 18.33 -3.35 -18.43
CA SER B 320 19.52 -3.77 -17.71
C SER B 320 20.72 -3.06 -18.30
N TYR B 321 21.52 -2.44 -17.44
CA TYR B 321 22.68 -1.67 -17.87
C TYR B 321 23.83 -1.91 -16.91
N ILE B 322 25.03 -1.65 -17.39
CA ILE B 322 26.26 -1.81 -16.61
C ILE B 322 26.78 -0.42 -16.26
N SER B 323 27.10 -0.22 -14.98
CA SER B 323 27.63 1.04 -14.49
C SER B 323 28.89 0.78 -13.69
N VAL B 324 29.75 1.79 -13.60
CA VAL B 324 31.00 1.68 -12.87
C VAL B 324 31.05 2.72 -11.76
N ALA B 325 30.34 3.84 -11.94
CA ALA B 325 30.38 4.95 -11.01
C ALA B 325 29.14 5.06 -10.13
N SER B 326 28.13 4.23 -10.36
CA SER B 326 26.89 4.33 -9.63
C SER B 326 26.29 2.94 -9.40
N LEU B 327 25.43 2.87 -8.39
CA LEU B 327 24.71 1.66 -8.02
C LEU B 327 23.24 2.00 -7.87
N GLU B 328 22.37 1.04 -8.19
CA GLU B 328 20.94 1.29 -8.15
C GLU B 328 20.21 0.02 -7.74
N ILE B 329 19.33 0.14 -6.74
CA ILE B 329 18.51 -0.99 -6.33
C ILE B 329 17.30 -0.44 -5.57
N ASN B 330 16.15 -1.08 -5.78
CA ASN B 330 14.89 -0.64 -5.19
C ASN B 330 14.62 0.83 -5.52
N SER B 331 14.96 1.22 -6.75
CA SER B 331 14.79 2.57 -7.28
C SER B 331 15.70 3.59 -6.60
N CYS B 332 16.51 3.18 -5.63
CA CYS B 332 17.42 4.08 -4.94
C CYS B 332 18.79 4.02 -5.61
N THR B 333 19.36 5.18 -5.90
CA THR B 333 20.65 5.30 -6.56
C THR B 333 21.67 5.84 -5.57
N LEU B 334 22.84 5.21 -5.53
CA LEU B 334 23.95 5.60 -4.67
C LEU B 334 25.22 5.66 -5.49
N THR B 335 26.23 6.33 -4.93
CA THR B 335 27.56 6.24 -5.49
C THR B 335 28.26 4.98 -4.97
N ARG B 336 29.37 4.62 -5.61
CA ARG B 336 30.06 3.40 -5.22
C ARG B 336 30.49 3.45 -3.77
N ASP B 337 30.88 4.64 -3.29
CA ASP B 337 31.27 4.76 -1.88
C ASP B 337 30.10 4.46 -0.95
N GLY B 338 28.91 4.93 -1.31
CA GLY B 338 27.73 4.72 -0.50
C GLY B 338 26.87 5.96 -0.36
N ASP B 339 27.39 7.10 -0.81
CA ASP B 339 26.66 8.35 -0.73
C ASP B 339 25.44 8.34 -1.64
N LEU B 340 24.40 9.04 -1.23
CA LEU B 340 23.23 9.20 -2.06
C LEU B 340 23.56 10.07 -3.28
N ALA B 341 23.23 9.57 -4.46
CA ALA B 341 23.50 10.33 -5.68
C ALA B 341 22.74 11.65 -5.64
N THR B 342 23.43 12.73 -5.97
CA THR B 342 22.81 14.05 -5.95
C THR B 342 21.69 14.12 -6.97
N GLY B 343 20.60 14.78 -6.59
CA GLY B 343 19.43 14.96 -7.44
C GLY B 343 18.16 14.64 -6.71
N LEU B 344 17.04 14.88 -7.40
CA LEU B 344 15.74 14.60 -6.81
C LEU B 344 15.57 13.12 -6.52
N GLY B 345 16.02 12.26 -7.43
CA GLY B 345 15.90 10.84 -7.25
C GLY B 345 14.47 10.34 -7.33
N CYS B 346 13.97 9.78 -6.23
CA CYS B 346 12.65 9.19 -6.17
C CYS B 346 11.61 10.13 -5.55
N THR B 347 11.94 11.39 -5.35
CA THR B 347 11.00 12.33 -4.75
C THR B 347 9.72 12.38 -5.58
N ALA B 348 8.58 12.31 -4.90
CA ALA B 348 7.28 12.30 -5.53
C ALA B 348 6.45 13.48 -5.03
N GLY B 349 5.64 14.05 -5.92
CA GLY B 349 4.78 15.15 -5.55
C GLY B 349 3.58 14.70 -4.74
N VAL B 350 2.93 15.68 -4.11
CA VAL B 350 1.76 15.45 -3.28
C VAL B 350 0.54 16.00 -4.02
N PRO B 351 -0.36 15.17 -4.50
CA PRO B 351 -1.57 15.69 -5.15
C PRO B 351 -2.53 16.29 -4.12
N PHE B 352 -3.41 17.15 -4.61
CA PHE B 352 -4.39 17.80 -3.77
C PHE B 352 -5.46 16.80 -3.35
N ARG B 353 -5.51 16.45 -2.06
CA ARG B 353 -6.48 15.51 -1.56
C ARG B 353 -7.04 15.93 -0.21
N GLY B 354 -7.12 17.25 0.02
CA GLY B 354 -7.67 17.77 1.26
C GLY B 354 -6.92 18.99 1.75
N PRO B 355 -7.62 19.90 2.41
CA PRO B 355 -6.92 21.12 2.90
C PRO B 355 -5.77 20.82 3.84
N LEU B 356 -5.91 19.82 4.70
CA LEU B 356 -4.88 19.51 5.70
C LEU B 356 -4.11 18.24 5.41
N VAL B 357 -4.71 17.29 4.69
CA VAL B 357 -3.95 16.10 4.30
C VAL B 357 -2.78 16.49 3.41
N THR B 358 -3.04 17.38 2.44
CA THR B 358 -1.97 17.77 1.53
C THR B 358 -0.80 18.38 2.28
N LEU B 359 -1.08 19.24 3.26
CA LEU B 359 -0.01 19.86 4.03
C LEU B 359 0.78 18.81 4.82
N LYS B 360 0.07 17.85 5.43
CA LYS B 360 0.76 16.82 6.21
C LYS B 360 1.66 15.95 5.32
N GLN B 361 1.13 15.52 4.17
CA GLN B 361 1.94 14.68 3.29
C GLN B 361 3.11 15.47 2.70
N THR B 362 2.90 16.75 2.39
CA THR B 362 4.01 17.58 1.92
C THR B 362 5.06 17.75 3.00
N ALA B 363 4.64 17.92 4.26
CA ALA B 363 5.60 18.01 5.35
C ALA B 363 6.40 16.71 5.49
N ALA B 364 5.72 15.57 5.38
CA ALA B 364 6.44 14.29 5.44
C ALA B 364 7.44 14.16 4.30
N MET B 365 7.02 14.51 3.09
CA MET B 365 7.92 14.41 1.94
C MET B 365 9.11 15.33 2.10
N LEU B 366 8.89 16.57 2.55
CA LEU B 366 9.99 17.51 2.72
C LEU B 366 10.91 17.09 3.85
N SER B 367 10.35 16.51 4.92
CA SER B 367 11.20 16.00 5.99
C SER B 367 12.09 14.87 5.48
N GLY B 368 11.52 13.96 4.70
CA GLY B 368 12.34 12.91 4.11
C GLY B 368 13.42 13.45 3.19
N ALA B 369 13.07 14.45 2.40
CA ALA B 369 14.05 15.03 1.47
C ALA B 369 15.16 15.75 2.21
N VAL B 370 14.83 16.46 3.29
CA VAL B 370 15.82 17.27 3.98
C VAL B 370 16.68 16.43 4.91
N ASP B 371 16.14 15.35 5.48
CA ASP B 371 16.95 14.49 6.33
C ASP B 371 18.14 13.93 5.55
N SER B 372 17.90 13.50 4.31
CA SER B 372 18.98 13.17 3.39
C SER B 372 19.47 14.48 2.76
N GLY B 373 20.37 14.38 1.79
CA GLY B 373 20.92 15.57 1.17
C GLY B 373 20.20 15.98 -0.10
N VAL B 374 18.93 15.60 -0.22
CA VAL B 374 18.19 15.86 -1.45
C VAL B 374 18.10 17.36 -1.73
N MET B 375 17.75 18.14 -0.72
CA MET B 375 17.65 19.58 -0.86
C MET B 375 18.03 20.22 0.46
N PRO B 376 18.50 21.47 0.43
CA PRO B 376 18.78 22.18 1.69
C PRO B 376 17.50 22.61 2.37
N PHE B 377 17.63 23.02 3.64
CA PHE B 377 16.46 23.32 4.45
C PHE B 377 15.71 24.53 3.93
N HIS B 378 16.43 25.56 3.46
CA HIS B 378 15.75 26.76 2.99
C HIS B 378 14.89 26.47 1.77
N SER B 379 15.36 25.59 0.88
CA SER B 379 14.55 25.19 -0.25
C SER B 379 13.26 24.50 0.21
N ALA B 380 13.37 23.65 1.22
CA ALA B 380 12.17 22.99 1.76
C ALA B 380 11.23 24.02 2.38
N GLU B 381 11.77 25.02 3.06
CA GLU B 381 10.93 26.07 3.62
C GLU B 381 10.17 26.80 2.53
N ARG B 382 10.87 27.17 1.46
CA ARG B 382 10.21 27.87 0.36
C ARG B 382 9.14 26.99 -0.29
N LEU B 383 9.45 25.69 -0.48
CA LEU B 383 8.48 24.79 -1.09
C LEU B 383 7.24 24.65 -0.20
N PHE B 384 7.43 24.56 1.12
CA PHE B 384 6.30 24.44 2.02
C PHE B 384 5.45 25.71 1.98
N GLN B 385 6.09 26.88 1.94
CA GLN B 385 5.32 28.12 1.82
C GLN B 385 4.53 28.14 0.52
N ILE B 386 5.15 27.72 -0.58
CA ILE B 386 4.45 27.70 -1.87
C ILE B 386 3.26 26.74 -1.82
N LYS B 387 3.45 25.57 -1.21
CA LYS B 387 2.36 24.62 -1.11
C LYS B 387 1.22 25.17 -0.26
N GLN B 388 1.55 25.89 0.81
CA GLN B 388 0.51 26.52 1.61
C GLN B 388 -0.24 27.56 0.80
N GLN B 389 0.48 28.34 -0.02
CA GLN B 389 -0.19 29.32 -0.87
C GLN B 389 -1.13 28.64 -1.87
N GLU B 390 -0.68 27.55 -2.48
CA GLU B 390 -1.54 26.83 -3.42
C GLU B 390 -2.77 26.25 -2.72
N CYS B 391 -2.57 25.69 -1.53
CA CYS B 391 -3.70 25.17 -0.77
C CYS B 391 -4.68 26.28 -0.43
N ALA B 392 -4.16 27.48 -0.11
CA ALA B 392 -5.03 28.61 0.14
C ALA B 392 -5.83 28.97 -1.10
N TYR B 393 -5.18 28.98 -2.26
CA TYR B 393 -5.91 29.26 -3.50
C TYR B 393 -6.98 28.23 -3.76
N ARG B 394 -6.75 26.97 -3.38
CA ARG B 394 -7.65 25.89 -3.75
C ARG B 394 -8.76 25.63 -2.75
N TYR B 395 -8.56 25.91 -1.47
CA TYR B 395 -9.45 25.44 -0.41
C TYR B 395 -9.99 26.57 0.45
N ASN B 396 -10.05 27.80 -0.06
CA ASN B 396 -10.40 28.94 0.77
C ASN B 396 -11.74 29.52 0.35
N ASN B 397 -12.73 28.66 0.12
CA ASN B 397 -14.07 29.02 -0.26
C ASN B 397 -15.04 28.67 0.86
N PRO B 398 -16.23 29.27 0.88
CA PRO B 398 -17.17 28.97 1.98
C PRO B 398 -17.58 27.52 2.05
N THR B 399 -17.46 26.76 0.96
CA THR B 399 -17.82 25.34 1.00
C THR B 399 -16.89 24.51 1.86
N TYR B 400 -15.74 25.05 2.25
CA TYR B 400 -14.77 24.35 3.08
C TYR B 400 -14.60 24.95 4.46
N THR B 401 -14.73 26.27 4.59
CA THR B 401 -14.50 26.93 5.86
C THR B 401 -15.39 28.15 5.98
N THR B 402 -15.85 28.42 7.20
CA THR B 402 -16.61 29.62 7.52
C THR B 402 -15.97 30.43 8.64
N ARG B 403 -14.72 30.15 8.97
CA ARG B 403 -14.02 30.84 10.03
C ARG B 403 -13.13 31.94 9.48
N ASN B 404 -12.78 32.89 10.34
CA ASN B 404 -11.89 33.98 9.97
C ASN B 404 -10.84 34.29 11.03
N GLU B 405 -10.79 33.52 12.12
CA GLU B 405 -9.82 33.78 13.16
C GLU B 405 -8.40 33.46 12.67
N ASP B 406 -7.42 34.01 13.38
CA ASP B 406 -6.02 33.78 13.05
C ASP B 406 -5.64 32.38 13.51
N PHE B 407 -4.34 32.07 13.49
CA PHE B 407 -3.80 30.79 13.91
C PHE B 407 -4.35 29.64 13.06
N LEU B 408 -5.15 29.95 12.04
CA LEU B 408 -5.66 28.96 11.11
C LEU B 408 -4.93 29.07 9.79
N PRO B 409 -4.72 27.96 9.08
CA PRO B 409 -4.07 28.05 7.77
C PRO B 409 -4.87 28.94 6.84
N THR B 410 -4.15 29.63 5.95
CA THR B 410 -4.82 30.54 5.02
C THR B 410 -5.84 29.80 4.15
N CYS B 411 -5.69 28.49 4.00
CA CYS B 411 -6.67 27.69 3.27
C CYS B 411 -7.92 27.41 4.09
N LEU B 412 -7.93 27.74 5.37
CA LEU B 412 -9.11 27.56 6.22
C LEU B 412 -9.64 28.88 6.75
N GLY B 413 -9.34 29.99 6.08
CA GLY B 413 -9.84 31.29 6.45
C GLY B 413 -8.92 32.10 7.34
N GLY B 414 -7.86 31.50 7.88
CA GLY B 414 -6.92 32.21 8.72
C GLY B 414 -5.97 33.06 7.90
N LYS B 415 -4.99 33.63 8.59
CA LYS B 415 -3.99 34.49 7.96
C LYS B 415 -2.60 34.18 8.51
N THR B 416 -2.28 32.91 8.68
CA THR B 416 -0.96 32.49 9.14
C THR B 416 -0.39 31.46 8.18
N VAL B 417 0.87 31.65 7.79
CA VAL B 417 1.60 30.70 6.97
C VAL B 417 2.74 30.18 7.84
N ILE B 418 2.50 29.04 8.50
CA ILE B 418 3.49 28.51 9.44
C ILE B 418 4.76 28.16 8.68
N SER B 419 5.90 28.55 9.24
CA SER B 419 7.18 28.17 8.67
C SER B 419 7.43 26.68 8.89
N PHE B 420 8.18 26.07 7.97
CA PHE B 420 8.46 24.65 8.09
C PHE B 420 9.22 24.33 9.36
N GLN B 421 10.21 25.16 9.70
CA GLN B 421 10.97 24.93 10.93
C GLN B 421 10.08 25.06 12.16
N SER B 422 9.21 26.07 12.18
CA SER B 422 8.32 26.23 13.32
C SER B 422 7.39 25.03 13.48
N LEU B 423 6.84 24.54 12.38
CA LEU B 423 5.97 23.37 12.44
C LEU B 423 6.74 22.15 12.92
N LEU B 424 7.95 21.94 12.38
CA LEU B 424 8.70 20.74 12.73
C LEU B 424 9.10 20.73 14.19
N THR B 425 9.53 21.88 14.73
CA THR B 425 9.92 21.94 16.14
C THR B 425 8.74 22.36 17.02
N TRP B 426 7.58 21.76 16.79
CA TRP B 426 6.40 21.93 17.64
C TRP B 426 6.29 23.34 18.20
N ASP B 427 6.45 24.34 17.34
CA ASP B 427 6.46 25.75 17.75
C ASP B 427 5.27 26.49 17.14
N CYS B 428 4.10 25.86 17.19
CA CYS B 428 2.92 26.38 16.52
C CYS B 428 1.72 26.26 17.44
N HIS B 429 0.61 26.86 17.01
CA HIS B 429 -0.64 26.70 17.73
C HIS B 429 -1.03 25.22 17.75
N PRO B 430 -1.62 24.72 18.83
CA PRO B 430 -1.96 23.29 18.88
C PRO B 430 -2.76 22.82 17.68
N PHE B 431 -3.53 23.70 17.03
CA PHE B 431 -4.26 23.30 15.84
C PHE B 431 -3.35 22.75 14.77
N TRP B 432 -2.08 23.17 14.76
CA TRP B 432 -1.12 22.72 13.76
C TRP B 432 -0.49 21.39 14.10
N TYR B 433 -0.71 20.86 15.30
CA TYR B 433 -0.09 19.59 15.67
C TYR B 433 -0.47 18.50 14.69
N GLN B 434 -1.71 18.51 14.21
CA GLN B 434 -2.15 17.49 13.26
C GLN B 434 -1.35 17.56 11.97
N VAL B 435 -0.98 18.78 11.54
CA VAL B 435 -0.23 18.92 10.30
C VAL B 435 1.18 18.32 10.43
N HIS B 436 1.69 18.16 11.64
CA HIS B 436 2.99 17.55 11.81
C HIS B 436 2.96 16.10 11.31
N PRO B 437 4.02 15.63 10.65
CA PRO B 437 3.99 14.24 10.17
C PRO B 437 3.75 13.23 11.28
N ASP B 438 4.28 13.47 12.47
CA ASP B 438 4.09 12.57 13.61
C ASP B 438 2.89 12.96 14.47
N GLY B 439 2.14 13.98 14.09
CA GLY B 439 1.02 14.44 14.88
C GLY B 439 -0.22 13.61 14.64
N PRO B 440 -1.31 14.01 15.30
CA PRO B 440 -2.56 13.26 15.19
C PRO B 440 -3.15 13.35 13.79
N ASP B 441 -4.06 12.44 13.50
CA ASP B 441 -4.74 12.44 12.21
C ASP B 441 -5.46 13.76 11.99
N THR B 442 -5.38 14.26 10.77
CA THR B 442 -6.00 15.54 10.45
C THR B 442 -7.52 15.39 10.44
N ILE B 443 -8.20 16.55 10.47
CA ILE B 443 -9.66 16.55 10.44
C ILE B 443 -10.16 15.88 9.17
N ASP B 444 -9.49 16.12 8.04
CA ASP B 444 -9.95 15.57 6.77
C ASP B 444 -9.87 14.05 6.77
N GLN B 445 -8.79 13.49 7.32
CA GLN B 445 -8.65 12.04 7.36
C GLN B 445 -9.77 11.41 8.20
N LYS B 446 -10.07 12.00 9.35
CA LYS B 446 -11.15 11.50 10.18
C LYS B 446 -12.49 11.61 9.46
N VAL B 447 -12.71 12.72 8.75
CA VAL B 447 -13.96 12.90 8.02
C VAL B 447 -14.10 11.84 6.94
N LEU B 448 -13.01 11.58 6.21
CA LEU B 448 -13.06 10.57 5.15
C LEU B 448 -13.30 9.19 5.73
N SER B 449 -12.66 8.87 6.85
CA SER B 449 -12.88 7.58 7.49
C SER B 449 -14.33 7.43 7.92
N VAL B 450 -14.90 8.48 8.51
CA VAL B 450 -16.29 8.44 8.94
C VAL B 450 -17.21 8.24 7.75
N LEU B 451 -16.95 8.97 6.67
CA LEU B 451 -17.77 8.85 5.47
C LEU B 451 -17.71 7.43 4.92
N ALA B 452 -16.52 6.84 4.88
CA ALA B 452 -16.39 5.46 4.42
C ALA B 452 -17.13 4.50 5.33
N SER B 453 -17.06 4.72 6.64
CA SER B 453 -17.69 3.84 7.61
C SER B 453 -19.18 4.09 7.77
N LYS B 454 -19.70 5.19 7.21
CA LYS B 454 -21.12 5.50 7.31
C LYS B 454 -21.88 5.23 6.02
N THR B 455 -21.19 4.96 4.92
CA THR B 455 -21.84 4.65 3.65
C THR B 455 -22.48 3.27 3.71
N ARG B 459 -28.87 -0.34 5.00
CA ARG B 459 -27.83 -1.28 5.45
C ARG B 459 -28.17 -1.83 6.83
N THR B 460 -27.68 -3.05 7.10
CA THR B 460 -27.84 -3.68 8.41
C THR B 460 -26.47 -4.26 8.79
N ARG B 461 -25.83 -3.62 9.76
CA ARG B 461 -24.48 -3.99 10.19
C ARG B 461 -24.49 -4.49 11.62
N LEU B 462 -23.38 -5.11 12.02
CA LEU B 462 -23.26 -5.65 13.36
C LEU B 462 -22.89 -4.55 14.35
N GLU B 463 -23.06 -4.87 15.63
CA GLU B 463 -22.70 -3.93 16.67
C GLU B 463 -21.21 -3.65 16.65
N ALA B 464 -20.85 -2.37 16.80
CA ALA B 464 -19.46 -1.98 16.73
C ALA B 464 -18.66 -2.63 17.86
N LEU B 465 -17.41 -2.97 17.55
CA LEU B 465 -16.50 -3.60 18.51
C LEU B 465 -15.20 -2.82 18.58
N SER B 466 -15.29 -1.49 18.56
CA SER B 466 -14.11 -0.62 18.60
C SER B 466 -13.81 -0.20 20.03
N ASP B 467 -12.63 0.38 20.22
CA ASP B 467 -12.17 0.87 21.51
C ASP B 467 -12.21 -0.26 22.54
N LEU B 468 -11.35 -1.25 22.31
CA LEU B 468 -11.25 -2.42 23.17
C LEU B 468 -10.12 -2.26 24.17
N ASP B 469 -10.22 -3.01 25.26
CA ASP B 469 -9.17 -2.98 26.28
C ASP B 469 -7.85 -3.45 25.66
N PRO B 470 -6.74 -2.77 25.93
CA PRO B 470 -5.48 -3.16 25.27
C PRO B 470 -5.03 -4.58 25.61
N LEU B 471 -5.49 -5.14 26.72
CA LEU B 471 -5.00 -6.45 27.16
C LEU B 471 -5.69 -7.62 26.47
N VAL B 472 -6.83 -7.40 25.81
CA VAL B 472 -7.56 -8.49 25.19
C VAL B 472 -6.92 -8.81 23.83
N PRO B 473 -6.49 -10.05 23.59
CA PRO B 473 -5.95 -10.38 22.26
C PRO B 473 -7.03 -10.36 21.20
N HIS B 474 -6.60 -10.12 19.96
CA HIS B 474 -7.53 -10.11 18.85
C HIS B 474 -7.87 -11.51 18.35
N ARG B 475 -7.22 -12.54 18.87
CA ARG B 475 -7.56 -13.92 18.56
C ARG B 475 -8.67 -14.47 19.44
N LEU B 476 -9.16 -13.68 20.39
CA LEU B 476 -10.19 -14.16 21.31
C LEU B 476 -11.49 -14.42 20.57
N LEU B 477 -12.13 -15.54 20.91
CA LEU B 477 -13.42 -15.89 20.33
C LEU B 477 -14.54 -15.17 21.06
N VAL B 478 -15.41 -14.50 20.31
CA VAL B 478 -16.49 -13.70 20.88
C VAL B 478 -17.77 -14.01 20.13
N SER B 479 -18.86 -14.17 20.87
CA SER B 479 -20.19 -14.35 20.31
C SER B 479 -20.95 -13.03 20.33
N GLU B 480 -22.20 -13.07 19.89
CA GLU B 480 -23.02 -11.85 19.89
C GLU B 480 -23.19 -11.31 21.30
N SER B 481 -23.49 -12.20 22.25
CA SER B 481 -23.67 -11.77 23.64
C SER B 481 -22.37 -11.19 24.19
N ASP B 482 -21.23 -11.79 23.85
CA ASP B 482 -19.96 -11.28 24.32
C ASP B 482 -19.71 -9.87 23.80
N VAL B 483 -19.98 -9.64 22.51
CA VAL B 483 -19.78 -8.31 21.94
C VAL B 483 -20.71 -7.30 22.60
N SER B 484 -21.97 -7.69 22.81
CA SER B 484 -22.91 -6.78 23.46
C SER B 484 -22.44 -6.44 24.87
N LYS B 485 -21.98 -7.44 25.62
CA LYS B 485 -21.50 -7.19 26.98
C LYS B 485 -20.30 -6.26 26.97
N ILE B 486 -19.36 -6.49 26.06
CA ILE B 486 -18.16 -5.64 26.00
C ILE B 486 -18.55 -4.20 25.70
N ARG B 487 -19.42 -4.01 24.71
CA ARG B 487 -19.82 -2.66 24.35
C ARG B 487 -20.56 -1.99 25.51
N ALA B 488 -21.47 -2.72 26.17
CA ALA B 488 -22.20 -2.14 27.29
C ALA B 488 -21.26 -1.73 28.41
N ALA B 489 -20.30 -2.59 28.75
CA ALA B 489 -19.38 -2.28 29.83
C ALA B 489 -18.53 -1.06 29.49
N ARG B 490 -18.01 -1.01 28.26
CA ARG B 490 -17.18 0.12 27.88
C ARG B 490 -17.98 1.43 27.88
N GLN B 491 -19.20 1.39 27.36
CA GLN B 491 -20.03 2.59 27.34
C GLN B 491 -20.37 3.04 28.75
N ALA B 492 -20.68 2.09 29.64
CA ALA B 492 -20.99 2.45 31.02
C ALA B 492 -19.78 3.09 31.70
N HIS B 493 -18.60 2.52 31.49
CA HIS B 493 -17.40 3.10 32.10
C HIS B 493 -17.12 4.49 31.55
N LEU B 494 -17.28 4.68 30.24
CA LEU B 494 -17.06 6.00 29.65
C LEU B 494 -18.05 7.01 30.21
N LYS B 495 -19.31 6.62 30.37
CA LYS B 495 -20.30 7.51 30.96
C LYS B 495 -19.93 7.84 32.40
N SER B 496 -19.44 6.86 33.15
CA SER B 496 -19.02 7.11 34.53
C SER B 496 -17.99 8.22 34.60
N LEU B 497 -17.18 8.38 33.55
CA LEU B 497 -16.21 9.46 33.47
C LEU B 497 -16.81 10.75 32.92
N GLY B 498 -18.11 10.76 32.63
CA GLY B 498 -18.75 11.93 32.04
C GLY B 498 -18.09 12.29 30.73
N LEU B 499 -17.88 11.29 29.88
CA LEU B 499 -17.09 11.43 28.67
C LEU B 499 -17.85 10.89 27.47
N GLU B 500 -17.71 11.59 26.34
CA GLU B 500 -18.21 11.11 25.06
C GLU B 500 -17.22 10.09 24.49
N GLN B 501 -17.34 9.79 23.20
CA GLN B 501 -16.44 8.85 22.53
C GLN B 501 -15.00 9.06 23.02
N PRO B 502 -14.22 7.99 23.15
CA PRO B 502 -12.94 8.10 23.86
C PRO B 502 -12.01 9.11 23.23
N THR B 503 -11.23 9.78 24.07
CA THR B 503 -10.29 10.78 23.60
C THR B 503 -9.18 10.14 22.79
N ASN B 504 -8.79 10.80 21.70
CA ASN B 504 -7.74 10.28 20.85
C ASN B 504 -6.41 10.29 21.59
N PHE B 505 -5.59 9.28 21.31
CA PHE B 505 -4.28 9.13 21.94
C PHE B 505 -3.20 9.27 20.87
N ASN B 506 -2.24 10.14 21.13
CA ASN B 506 -1.10 10.34 20.24
C ASN B 506 0.17 10.04 21.02
N TYR B 507 1.01 9.16 20.46
CA TYR B 507 2.23 8.78 21.15
C TYR B 507 3.17 9.96 21.34
N ALA B 508 3.33 10.78 20.30
CA ALA B 508 4.26 11.91 20.38
C ALA B 508 3.84 12.89 21.47
N ILE B 509 2.57 13.28 21.48
CA ILE B 509 2.09 14.23 22.48
C ILE B 509 2.20 13.62 23.88
N TYR B 510 1.80 12.36 24.02
CA TYR B 510 1.83 11.72 25.33
C TYR B 510 3.24 11.68 25.88
N LYS B 511 4.21 11.30 25.05
CA LYS B 511 5.61 11.27 25.50
C LYS B 511 6.11 12.67 25.80
N ALA B 512 5.73 13.66 24.99
CA ALA B 512 6.22 15.02 25.21
C ALA B 512 5.75 15.58 26.55
N VAL B 513 4.49 15.33 26.90
CA VAL B 513 3.92 15.91 28.11
C VAL B 513 4.13 15.04 29.34
N GLN B 514 4.68 13.84 29.20
CA GLN B 514 4.92 12.96 30.33
C GLN B 514 5.97 13.56 31.27
N SER C 2 -30.60 -10.08 13.99
CA SER C 2 -29.43 -10.88 14.36
C SER C 2 -28.49 -11.01 13.18
N GLN C 3 -27.86 -9.90 12.79
CA GLN C 3 -26.91 -9.94 11.67
C GLN C 3 -25.77 -10.91 11.96
N PHE C 4 -25.41 -11.09 13.23
CA PHE C 4 -24.38 -12.05 13.58
C PHE C 4 -24.73 -13.45 13.09
N GLY C 5 -26.02 -13.78 13.06
CA GLY C 5 -26.45 -15.07 12.56
C GLY C 5 -26.39 -15.20 11.05
N LYS C 6 -26.36 -14.07 10.33
CA LYS C 6 -26.25 -14.06 8.88
C LYS C 6 -24.82 -13.88 8.40
N SER C 7 -24.07 -12.97 9.04
CA SER C 7 -22.68 -12.76 8.65
C SER C 7 -21.84 -14.01 8.91
N PHE C 8 -22.05 -14.66 10.05
CA PHE C 8 -21.25 -15.82 10.42
C PHE C 8 -22.15 -17.03 10.63
N LYS C 9 -23.07 -17.26 9.69
CA LYS C 9 -24.03 -18.34 9.82
C LYS C 9 -23.30 -19.68 9.97
N GLY C 10 -23.76 -20.49 10.92
CA GLY C 10 -23.16 -21.78 11.19
C GLY C 10 -22.10 -21.76 12.28
N ARG C 11 -21.62 -20.59 12.68
CA ARG C 11 -20.64 -20.46 13.75
C ARG C 11 -21.19 -19.54 14.82
N THR C 12 -21.11 -19.98 16.07
CA THR C 12 -21.55 -19.18 17.20
C THR C 12 -20.44 -18.29 17.77
N GLU C 13 -19.21 -18.45 17.30
CA GLU C 13 -18.08 -17.68 17.80
C GLU C 13 -17.12 -17.40 16.67
N VAL C 14 -16.58 -16.17 16.64
CA VAL C 14 -15.55 -15.79 15.70
C VAL C 14 -14.50 -14.97 16.44
N THR C 15 -13.29 -14.94 15.88
CA THR C 15 -12.22 -14.17 16.48
C THR C 15 -12.50 -12.67 16.36
N ILE C 16 -11.87 -11.90 17.23
CA ILE C 16 -12.07 -10.45 17.21
C ILE C 16 -11.56 -9.85 15.91
N THR C 17 -10.47 -10.41 15.36
CA THR C 17 -9.97 -9.92 14.08
C THR C 17 -11.04 -10.03 13.00
N GLU C 18 -11.67 -11.20 12.89
CA GLU C 18 -12.71 -11.39 11.90
C GLU C 18 -13.88 -10.44 12.12
N TYR C 19 -14.32 -10.29 13.37
CA TYR C 19 -15.45 -9.43 13.65
C TYR C 19 -15.14 -7.98 13.30
N ARG C 20 -13.95 -7.50 13.68
CA ARG C 20 -13.57 -6.13 13.39
C ARG C 20 -13.43 -5.89 11.89
N SER C 21 -12.88 -6.87 11.16
CA SER C 21 -12.74 -6.72 9.72
C SER C 21 -14.09 -6.42 9.07
N HIS C 22 -15.16 -7.03 9.59
CA HIS C 22 -16.49 -6.76 9.05
C HIS C 22 -17.00 -5.39 9.47
N THR C 23 -16.75 -5.02 10.74
CA THR C 23 -17.24 -3.73 11.23
C THR C 23 -16.55 -2.57 10.51
N VAL C 24 -15.22 -2.61 10.46
CA VAL C 24 -14.46 -1.54 9.82
C VAL C 24 -14.73 -1.55 8.31
N ARG C 29 -13.57 2.29 -1.37
CA ARG C 29 -13.27 2.91 -2.65
C ARG C 29 -14.44 3.75 -3.14
N SER C 30 -14.11 4.91 -3.70
CA SER C 30 -15.13 5.80 -4.26
C SER C 30 -14.51 6.61 -5.39
N LEU C 31 -15.20 6.67 -6.52
CA LEU C 31 -14.69 7.44 -7.65
C LEU C 31 -14.68 8.94 -7.37
N LEU C 32 -15.47 9.40 -6.41
CA LEU C 32 -15.44 10.81 -6.04
C LEU C 32 -14.06 11.20 -5.53
N THR C 33 -13.60 12.38 -5.93
CA THR C 33 -12.33 12.89 -5.44
C THR C 33 -12.45 13.24 -3.95
N ALA C 34 -11.30 13.30 -3.28
CA ALA C 34 -11.29 13.66 -1.88
C ALA C 34 -11.89 15.05 -1.66
N ASP C 35 -11.61 15.97 -2.57
CA ASP C 35 -12.16 17.33 -2.44
C ASP C 35 -13.68 17.31 -2.47
N LYS C 36 -14.26 16.62 -3.46
CA LYS C 36 -15.72 16.56 -3.55
C LYS C 36 -16.31 15.82 -2.36
N SER C 37 -15.65 14.75 -1.91
CA SER C 37 -16.13 14.02 -0.74
C SER C 37 -16.17 14.93 0.48
N LEU C 38 -15.13 15.73 0.68
CA LEU C 38 -15.09 16.64 1.82
C LEU C 38 -16.14 17.73 1.69
N ARG C 39 -16.39 18.20 0.46
CA ARG C 39 -17.41 19.22 0.26
C ARG C 39 -18.82 18.67 0.49
N LYS C 40 -19.02 17.39 0.20
CA LYS C 40 -20.37 16.82 0.25
C LYS C 40 -20.98 17.01 1.63
N SER C 41 -22.21 17.52 1.66
CA SER C 41 -22.97 17.74 2.89
C SER C 41 -22.22 18.65 3.87
N PHE C 42 -21.22 19.39 3.39
CA PHE C 42 -20.41 20.24 4.25
C PHE C 42 -19.84 19.45 5.42
N CYS C 43 -19.46 18.20 5.15
CA CYS C 43 -18.94 17.35 6.21
C CYS C 43 -17.65 17.92 6.78
N PHE C 44 -16.74 18.36 5.91
CA PHE C 44 -15.49 18.93 6.41
C PHE C 44 -15.73 20.23 7.17
N ARG C 45 -16.64 21.08 6.68
CA ARG C 45 -16.92 22.32 7.38
C ARG C 45 -17.49 22.07 8.77
N ASN C 46 -18.44 21.12 8.86
CA ASN C 46 -19.00 20.79 10.16
C ASN C 46 -17.95 20.20 11.08
N ALA C 47 -17.09 19.33 10.54
CA ALA C 47 -16.02 18.75 11.35
C ALA C 47 -15.07 19.82 11.86
N LEU C 48 -14.73 20.80 11.01
CA LEU C 48 -13.86 21.88 11.43
C LEU C 48 -14.51 22.72 12.53
N ASN C 49 -15.80 23.02 12.39
CA ASN C 49 -16.49 23.77 13.43
C ASN C 49 -16.49 22.99 14.74
N GLN C 50 -16.79 21.69 14.68
CA GLN C 50 -16.78 20.87 15.88
C GLN C 50 -15.41 20.83 16.51
N PHE C 51 -14.36 20.68 15.70
CA PHE C 51 -13.01 20.63 16.24
C PHE C 51 -12.64 21.94 16.91
N LEU C 52 -12.98 23.06 16.29
CA LEU C 52 -12.61 24.35 16.85
C LEU C 52 -13.43 24.67 18.11
N ASP C 53 -14.64 24.13 18.22
CA ASP C 53 -15.50 24.47 19.34
C ASP C 53 -15.30 23.55 20.54
N LYS C 54 -15.12 22.25 20.31
CA LYS C 54 -15.07 21.27 21.40
C LYS C 54 -13.75 20.54 21.48
N ASP C 55 -13.25 20.00 20.36
CA ASP C 55 -12.06 19.16 20.42
C ASP C 55 -10.79 19.99 20.66
N LEU C 56 -10.65 21.11 19.95
CA LEU C 56 -9.40 21.86 20.01
C LEU C 56 -9.07 22.34 21.41
N PRO C 57 -9.99 22.91 22.20
CA PRO C 57 -9.63 23.41 23.53
C PRO C 57 -9.08 22.33 24.46
N LEU C 58 -9.41 21.06 24.22
CA LEU C 58 -8.95 19.98 25.09
C LEU C 58 -7.59 19.42 24.69
N LEU C 59 -7.01 19.90 23.60
CA LEU C 59 -5.71 19.40 23.16
C LEU C 59 -4.63 19.84 24.15
N PRO C 60 -3.82 18.91 24.68
CA PRO C 60 -2.75 19.32 25.60
C PRO C 60 -1.58 19.97 24.86
N ILE C 61 -1.29 21.22 25.18
CA ILE C 61 -0.17 21.94 24.57
C ILE C 61 1.13 21.29 25.03
N ARG C 62 1.99 20.92 24.10
CA ARG C 62 3.25 20.27 24.41
C ARG C 62 4.41 21.23 24.22
N PRO C 63 5.51 21.03 24.96
CA PRO C 63 6.66 21.94 24.82
C PRO C 63 7.33 21.78 23.46
N LYS C 64 7.97 22.87 23.04
CA LYS C 64 8.67 22.91 21.77
C LYS C 64 10.12 22.44 21.94
N LEU C 65 10.71 22.02 20.83
CA LEU C 65 12.10 21.56 20.84
C LEU C 65 13.05 22.74 20.96
N GLU C 66 14.10 22.57 21.76
CA GLU C 66 15.06 23.64 21.98
C GLU C 66 16.50 23.16 21.81
N SER C 67 16.73 21.87 22.06
CA SER C 67 18.09 21.34 21.99
C SER C 67 18.62 21.38 20.57
N ARG C 68 19.89 21.78 20.43
CA ARG C 68 20.53 21.87 19.13
C ARG C 68 22.02 21.65 19.29
N VAL C 69 22.63 21.07 18.26
CA VAL C 69 24.08 20.88 18.20
C VAL C 69 24.55 21.19 16.78
N ALA C 70 25.82 21.54 16.66
CA ALA C 70 26.39 21.79 15.35
C ALA C 70 26.48 20.49 14.56
N VAL C 71 26.08 20.54 13.29
CA VAL C 71 26.09 19.39 12.41
C VAL C 71 26.76 19.77 11.11
N LYS C 72 27.31 18.75 10.43
CA LYS C 72 27.94 18.94 9.13
C LYS C 72 27.51 17.80 8.21
N LYS C 73 27.38 18.12 6.93
CA LYS C 73 27.00 17.11 5.96
C LYS C 73 28.03 15.99 5.95
N SER C 74 27.54 14.75 5.88
CA SER C 74 28.38 13.57 5.95
C SER C 74 27.83 12.52 5.00
N LYS C 75 28.43 11.35 5.01
CA LYS C 75 27.97 10.24 4.19
C LYS C 75 26.60 9.77 4.66
N LEU C 76 25.81 9.25 3.72
CA LEU C 76 24.48 8.75 4.06
C LEU C 76 24.58 7.63 5.07
N ARG C 77 23.74 7.71 6.11
CA ARG C 77 23.69 6.69 7.14
C ARG C 77 22.23 6.41 7.50
N SER C 78 22.01 5.31 8.20
CA SER C 78 20.67 4.89 8.62
C SER C 78 20.57 5.13 10.12
N GLN C 79 19.91 6.23 10.49
CA GLN C 79 19.66 6.50 11.91
C GLN C 79 18.55 5.60 12.41
N LEU C 80 18.80 4.94 13.54
CA LEU C 80 17.86 4.01 14.15
C LEU C 80 17.28 4.66 15.40
N SER C 81 15.97 4.89 15.39
CA SER C 81 15.26 5.43 16.54
C SER C 81 14.40 4.32 17.13
N PHE C 82 14.65 3.98 18.39
CA PHE C 82 13.94 2.91 19.08
C PHE C 82 12.92 3.57 20.01
N ARG C 83 11.68 3.69 19.52
CA ARG C 83 10.60 4.26 20.31
C ARG C 83 9.96 3.14 21.11
N PRO C 84 10.15 3.10 22.45
CA PRO C 84 9.62 2.02 23.28
C PRO C 84 8.09 2.03 23.37
N GLY C 85 7.49 0.85 23.60
CA GLY C 85 6.03 0.67 23.73
C GLY C 85 5.60 0.86 25.17
N LEU C 86 4.34 1.24 25.40
CA LEU C 86 3.78 1.49 26.75
C LEU C 86 3.79 0.19 27.57
N THR C 87 4.08 0.27 28.87
CA THR C 87 4.09 -0.88 29.81
C THR C 87 2.65 -1.12 30.27
N GLN C 88 2.34 -2.34 30.71
CA GLN C 88 0.99 -2.77 31.17
C GLN C 88 0.37 -1.69 32.06
N GLU C 89 1.07 -1.30 33.13
CA GLU C 89 0.62 -0.29 34.13
C GLU C 89 0.12 0.98 33.43
N GLU C 90 0.89 1.49 32.47
CA GLU C 90 0.57 2.74 31.71
C GLU C 90 -0.61 2.50 30.77
N ALA C 91 -0.55 1.44 29.96
CA ALA C 91 -1.60 1.06 28.97
C ALA C 91 -2.95 0.97 29.68
N ILE C 92 -3.00 0.29 30.83
CA ILE C 92 -4.22 0.09 31.66
C ILE C 92 -4.69 1.45 32.19
N ASP C 93 -3.77 2.30 32.66
CA ASP C 93 -4.12 3.63 33.23
C ASP C 93 -4.75 4.49 32.13
N LEU C 94 -4.20 4.43 30.92
CA LEU C 94 -4.66 5.21 29.75
C LEU C 94 -6.04 4.72 29.34
N TYR C 95 -6.24 3.40 29.24
CA TYR C 95 -7.55 2.88 28.86
C TYR C 95 -8.59 3.20 29.92
N ASN C 96 -8.24 3.05 31.20
CA ASN C 96 -9.16 3.36 32.28
C ASN C 96 -9.47 4.85 32.38
N LYS C 97 -8.62 5.70 31.80
CA LYS C 97 -8.84 7.14 31.82
C LYS C 97 -9.73 7.62 30.68
N GLY C 98 -10.17 6.71 29.80
CA GLY C 98 -11.04 7.07 28.71
C GLY C 98 -10.38 7.22 27.36
N TYR C 99 -9.08 6.94 27.26
CA TYR C 99 -8.39 7.06 25.98
C TYR C 99 -8.81 5.94 25.04
N ASP C 100 -8.75 6.23 23.74
CA ASP C 100 -9.10 5.25 22.72
C ASP C 100 -8.27 3.98 22.90
N GLY C 101 -8.95 2.87 23.17
CA GLY C 101 -8.25 1.61 23.39
C GLY C 101 -7.45 1.15 22.19
N ASP C 102 -7.96 1.40 20.99
CA ASP C 102 -7.27 0.97 19.78
C ASP C 102 -5.91 1.65 19.66
N SER C 103 -5.87 2.96 19.89
CA SER C 103 -4.60 3.68 19.80
C SER C 103 -3.61 3.21 20.87
N VAL C 104 -4.10 2.97 22.09
CA VAL C 104 -3.22 2.49 23.15
C VAL C 104 -2.67 1.12 22.79
N SER C 105 -3.51 0.23 22.27
CA SER C 105 -3.03 -1.08 21.86
C SER C 105 -2.00 -0.97 20.74
N GLY C 106 -2.24 -0.08 19.78
CA GLY C 106 -1.26 0.13 18.73
C GLY C 106 0.07 0.61 19.26
N ALA C 107 0.03 1.50 20.26
CA ALA C 107 1.27 1.99 20.87
C ALA C 107 1.87 1.01 21.86
N LEU C 108 1.16 -0.07 22.20
CA LEU C 108 1.67 -1.03 23.18
C LEU C 108 2.92 -1.75 22.67
N GLN C 109 3.15 -1.76 21.37
CA GLN C 109 4.23 -2.55 20.77
C GLN C 109 5.46 -1.68 20.55
N ASP C 110 6.62 -2.21 20.95
CA ASP C 110 7.87 -1.50 20.73
C ASP C 110 8.08 -1.25 19.24
N ARG C 111 8.57 -0.06 18.90
CA ARG C 111 8.69 0.36 17.51
C ARG C 111 10.13 0.76 17.21
N VAL C 112 10.59 0.40 16.02
CA VAL C 112 11.94 0.73 15.55
C VAL C 112 11.81 1.40 14.20
N VAL C 113 12.44 2.55 14.04
CA VAL C 113 12.37 3.34 12.81
C VAL C 113 13.78 3.49 12.25
N ASN C 114 13.94 3.17 10.97
CA ASN C 114 15.18 3.36 10.24
C ASN C 114 14.97 4.50 9.26
N GLU C 115 15.69 5.60 9.46
CA GLU C 115 15.55 6.77 8.61
C GLU C 115 16.88 7.13 7.98
N PRO C 116 16.94 7.38 6.68
CA PRO C 116 18.21 7.80 6.07
C PRO C 116 18.49 9.27 6.37
N VAL C 117 19.65 9.53 6.95
CA VAL C 117 20.10 10.88 7.24
C VAL C 117 21.54 11.02 6.77
N ALA C 118 21.84 12.14 6.12
CA ALA C 118 23.22 12.50 5.78
C ALA C 118 23.55 13.77 6.54
N TYR C 119 23.87 13.60 7.82
CA TYR C 119 24.21 14.69 8.72
C TYR C 119 24.75 14.09 10.01
N SER C 120 25.89 14.57 10.48
CA SER C 120 26.53 14.01 11.67
C SER C 120 26.88 15.12 12.64
N SER C 121 26.89 14.77 13.92
CA SER C 121 27.32 15.66 14.99
C SER C 121 28.62 15.15 15.57
N ALA C 122 29.26 16.00 16.38
CA ALA C 122 30.52 15.62 17.01
C ALA C 122 30.33 14.42 17.93
N ASP C 123 29.22 14.38 18.67
CA ASP C 123 28.93 13.31 19.60
C ASP C 123 28.09 12.20 19.00
N ASN C 124 27.77 12.28 17.70
CA ASN C 124 26.95 11.28 17.03
C ASN C 124 25.58 11.16 17.71
N ASP C 125 24.83 12.25 17.68
CA ASP C 125 23.51 12.31 18.30
C ASP C 125 22.45 11.83 17.32
N LYS C 126 21.25 11.62 17.85
CA LYS C 126 20.08 11.23 17.07
C LYS C 126 19.19 12.45 16.90
N PHE C 127 18.77 12.71 15.67
CA PHE C 127 18.04 13.93 15.34
C PHE C 127 16.55 13.65 15.18
N HIS C 128 15.76 14.70 15.38
CA HIS C 128 14.31 14.60 15.24
C HIS C 128 13.93 14.49 13.76
N ARG C 129 12.67 14.11 13.52
CA ARG C 129 12.17 13.97 12.17
C ARG C 129 12.30 15.28 11.41
N GLY C 130 13.00 15.24 10.28
CA GLY C 130 13.13 16.40 9.42
C GLY C 130 14.17 17.40 9.88
N LEU C 131 14.41 17.48 11.19
CA LEU C 131 15.35 18.44 11.75
C LEU C 131 16.74 17.84 11.93
N ALA C 132 17.27 17.24 10.87
CA ALA C 132 18.63 16.72 10.91
C ALA C 132 19.64 17.75 10.40
N ALA C 133 19.25 18.54 9.40
CA ALA C 133 20.13 19.61 8.92
C ALA C 133 20.34 20.66 10.00
N LEU C 134 19.28 21.02 10.73
CA LEU C 134 19.41 22.04 11.76
C LEU C 134 20.08 21.51 13.01
N GLY C 135 20.00 20.21 13.27
CA GLY C 135 20.70 19.62 14.39
C GLY C 135 19.91 19.51 15.67
N TYR C 136 18.59 19.33 15.59
CA TYR C 136 17.76 19.15 16.78
C TYR C 136 17.91 17.71 17.25
N THR C 137 18.52 17.53 18.42
CA THR C 137 18.84 16.21 18.94
C THR C 137 17.69 15.65 19.76
N LEU C 138 17.55 14.33 19.73
CA LEU C 138 16.50 13.68 20.52
C LEU C 138 16.73 13.90 22.01
N ALA C 139 17.99 13.80 22.45
CA ALA C 139 18.32 13.99 23.86
C ALA C 139 17.99 15.41 24.30
N LYS C 381 12.57 -13.17 43.33
CA LYS C 381 11.63 -12.06 43.16
C LYS C 381 10.31 -12.54 42.58
N ALA C 382 9.33 -11.65 42.54
CA ALA C 382 8.02 -11.94 41.97
C ALA C 382 7.72 -10.89 40.91
N LYS C 383 7.30 -11.36 39.73
CA LYS C 383 6.94 -10.45 38.64
C LYS C 383 5.58 -9.84 38.97
N VAL C 384 5.61 -8.89 39.91
CA VAL C 384 4.38 -8.23 40.34
C VAL C 384 3.72 -7.58 39.13
N THR C 385 2.53 -8.05 38.79
CA THR C 385 1.80 -7.60 37.61
C THR C 385 0.56 -6.81 38.03
N VAL C 386 0.29 -5.73 37.31
CA VAL C 386 -0.89 -4.91 37.56
C VAL C 386 -2.00 -5.39 36.65
N LEU C 387 -2.97 -6.11 37.23
CA LEU C 387 -4.04 -6.67 36.41
C LEU C 387 -5.02 -5.60 35.96
N SER C 388 -5.43 -4.72 36.85
CA SER C 388 -6.38 -3.67 36.50
C SER C 388 -6.42 -2.63 37.62
N ARG C 389 -6.93 -1.45 37.28
CA ARG C 389 -7.06 -0.34 38.23
C ARG C 389 -8.48 -0.29 38.79
N SER C 390 -8.86 -1.34 39.52
CA SER C 390 -10.17 -1.41 40.13
C SER C 390 -10.21 -2.60 41.07
N LYS C 391 -11.19 -2.59 41.97
CA LYS C 391 -11.37 -3.67 42.95
C LYS C 391 -12.38 -4.67 42.39
N TRP C 392 -11.88 -5.79 41.88
CA TRP C 392 -12.77 -6.86 41.43
C TRP C 392 -13.52 -7.43 42.63
N MET C 393 -14.82 -7.64 42.46
CA MET C 393 -15.66 -8.10 43.56
C MET C 393 -15.22 -9.47 44.03
N GLY C 394 -15.28 -9.68 45.35
CA GLY C 394 -15.01 -10.97 45.93
C GLY C 394 -13.58 -11.46 45.72
N TYR C 395 -12.60 -10.58 45.98
CA TYR C 395 -11.20 -10.94 45.84
C TYR C 395 -10.47 -10.63 47.15
N GLU C 396 -9.43 -11.41 47.40
CA GLU C 396 -8.69 -11.30 48.66
C GLU C 396 -7.98 -9.95 48.76
N ASP C 397 -7.92 -9.43 49.98
CA ASP C 397 -7.15 -8.22 50.24
C ASP C 397 -5.66 -8.52 50.24
N LEU C 398 -4.87 -7.56 49.77
CA LEU C 398 -3.43 -7.76 49.66
C LEU C 398 -2.81 -7.81 51.06
N PRO C 399 -2.16 -8.91 51.44
CA PRO C 399 -1.53 -8.96 52.76
C PRO C 399 -0.11 -8.40 52.75
N GLN C 400 0.56 -8.45 53.91
CA GLN C 400 1.94 -7.98 53.97
C GLN C 400 2.88 -8.89 53.19
N LYS C 401 2.58 -10.18 53.11
CA LYS C 401 3.41 -11.16 52.43
C LYS C 401 2.54 -11.98 51.49
N PRO C 402 2.20 -11.44 50.33
CA PRO C 402 1.37 -12.19 49.38
C PRO C 402 2.16 -13.31 48.74
N PRO C 403 1.92 -14.57 49.14
CA PRO C 403 2.81 -15.65 48.67
C PRO C 403 2.82 -15.81 47.16
N ASN C 404 1.68 -16.17 46.55
CA ASN C 404 1.62 -16.31 45.11
C ASN C 404 0.29 -15.93 44.48
N GLY C 405 -0.68 -15.42 45.24
CA GLY C 405 -2.01 -15.19 44.73
C GLY C 405 -2.16 -13.85 44.04
N THR C 406 -3.40 -13.50 43.77
CA THR C 406 -3.77 -12.20 43.24
C THR C 406 -4.64 -11.49 44.27
N PHE C 407 -4.30 -10.23 44.58
CA PHE C 407 -4.98 -9.50 45.65
C PHE C 407 -5.24 -8.08 45.18
N TYR C 408 -5.79 -7.26 46.08
CA TYR C 408 -6.10 -5.87 45.80
C TYR C 408 -5.26 -4.99 46.71
N CYS C 409 -4.61 -3.99 46.13
CA CYS C 409 -3.72 -3.10 46.87
C CYS C 409 -4.45 -1.80 47.18
N ARG C 410 -4.42 -1.40 48.46
CA ARG C 410 -5.02 -0.12 48.84
C ARG C 410 -4.11 1.05 48.51
N LYS C 411 -2.79 0.89 48.68
CA LYS C 411 -1.87 1.98 48.38
C LYS C 411 -2.01 2.43 46.94
N ARG C 412 -2.01 1.47 46.01
CA ARG C 412 -2.30 1.72 44.60
C ARG C 412 -3.59 0.99 44.26
N LYS C 413 -4.59 1.73 43.78
CA LYS C 413 -5.93 1.19 43.57
C LYS C 413 -5.89 0.25 42.37
N ALA C 414 -5.48 -0.98 42.61
CA ALA C 414 -5.28 -1.94 41.52
C ALA C 414 -5.33 -3.35 42.08
N MET C 415 -5.43 -4.31 41.15
CA MET C 415 -5.30 -5.72 41.46
C MET C 415 -3.89 -6.17 41.08
N LEU C 416 -3.16 -6.71 42.06
CA LEU C 416 -1.77 -7.09 41.89
C LEU C 416 -1.65 -8.61 41.90
N LEU C 417 -0.91 -9.14 40.94
CA LEU C 417 -0.66 -10.56 40.79
C LEU C 417 0.79 -10.84 41.14
N ILE C 418 1.01 -11.75 42.09
CA ILE C 418 2.34 -12.09 42.57
C ILE C 418 2.66 -13.52 42.12
N SER C 419 3.79 -13.67 41.44
CA SER C 419 4.19 -14.95 40.87
C SER C 419 5.49 -15.42 41.50
N CYS C 420 5.52 -16.67 41.94
CA CYS C 420 6.72 -17.26 42.53
C CYS C 420 7.21 -16.44 43.71
ZN ZN F . -8.49 24.40 -33.16
#